data_6O8E
#
_entry.id   6O8E
#
_cell.length_a   69.269
_cell.length_b   115.719
_cell.length_c   266.795
_cell.angle_alpha   90.000
_cell.angle_beta   90.000
_cell.angle_gamma   90.000
#
_symmetry.space_group_name_H-M   'P 2 21 21'
#
loop_
_entity.id
_entity.type
_entity.pdbx_description
1 polymer 'UvrABC system protein B'
2 polymer "DNA (5'-D(*GP*CP*TP*CP*TP*AP*GP*AP*TP*TP*TP*TP*CP*AP*TP*AP*CP*GP*GP*C)-3')"
3 polymer "DNA (5'-D(*GP*CP*CP*GP*TP*AP*TP*GP*CP*CP*AP*AP*TP*CP*TP*AP*GP*AP*GP*C)-3')"
4 non-polymer "ADENOSINE-5'-DIPHOSPHATE"
5 non-polymer 'PHOSPHATE ION'
6 non-polymer 'MAGNESIUM ION'
7 non-polymer 'CHLORIDE ION'
8 water water
#
loop_
_entity_poly.entity_id
_entity_poly.type
_entity_poly.pdbx_seq_one_letter_code
_entity_poly.pdbx_strand_id
1 'polypeptide(L)'
;VEGRFQLVAPYEPQGDQPQAIAKLVDGLRRGVKHQTLLGATGTGKTFTISNVIAQVNKPTLVIAHNKTLAGQLYSELKEF
FPHNAVEYFVSYYDYYQPEAYVPQTDTYIEKDAKINDEIDKLRHSATSALFERRDVIIVASVSSIYGLGSPEEYRELVVS
LRVGMEIERNALLRRLVDIQYDRNDIDFRRGTFRVRGDVVEIFPASRDEHSIRVEFFGDEIERIREVDALTGEVLGEREH
VAIFPASHFVCREEKMRLAIQNIEQELEERLAELRAQGKLLEAQRLEQRTRYDLEMMREMGFSSGIENYSRHLALRPPGS
TPYTLLDYFPDDFLIIVDESHVTLPQLRGMYNGDRARKQVLVDHGFRLPSALDNRPLTFEEFEQKINQIIYVSATPGPYE
LEHSPGVVEQIIRPTGLLDPTIDVRPTKGQIDDLIGEIRERVERNERTLVTTLTKKMAEDLTDYLKEAGIKVAYLHSEIK
TLERIEIIRDLRLGKYDVLVGINLLREGLDIPEVSLVAILDADKEGFLRSERSLIQTIGRAARNANGHVIMYADTITKSM
EIAIQETKRRRAIQEEYNRKHGIVPRTVKKEIR
;
A,B
2 'polydeoxyribonucleotide' (DG)(DC)(DT)(DC)(DT)(DA)(DG)(DA)(DT)(DT)(DT)(DT)(DC)(DA)(DT)(DA)(DC)(DG)(DG)(DC) C,E
3 'polydeoxyribonucleotide' (DG)(DC)(DC)(DG)(DT)(DA)(DT)(DG)(DC)(DC)(DA)(DA)(DT)(DC)(DT)(DA)(DG)(DA)(DG)(DC) D,F
#
# COMPACT_ATOMS: atom_id res chain seq x y z
N GLU A 2 -7.27 11.11 -13.69
CA GLU A 2 -7.58 10.10 -14.75
C GLU A 2 -8.19 8.79 -14.20
N GLY A 3 -9.14 8.23 -14.95
CA GLY A 3 -9.90 7.06 -14.49
C GLY A 3 -10.90 6.57 -15.54
N ARG A 4 -11.62 5.51 -15.21
CA ARG A 4 -12.46 4.79 -16.17
C ARG A 4 -13.64 4.06 -15.49
N PHE A 5 -14.86 4.45 -15.79
CA PHE A 5 -16.02 3.84 -15.16
C PHE A 5 -16.14 2.36 -15.52
N GLN A 6 -16.41 1.53 -14.53
CA GLN A 6 -16.59 0.10 -14.73
C GLN A 6 -17.96 -0.24 -14.25
N LEU A 7 -18.85 -0.34 -15.21
CA LEU A 7 -20.23 -0.67 -14.97
C LEU A 7 -20.29 -2.16 -14.67
N VAL A 8 -20.95 -2.52 -13.58
CA VAL A 8 -21.13 -3.90 -13.19
C VAL A 8 -22.60 -4.13 -12.97
N ALA A 9 -23.19 -5.00 -13.77
CA ALA A 9 -24.58 -5.37 -13.58
C ALA A 9 -24.87 -6.80 -14.01
N PRO A 10 -25.79 -7.47 -13.31
CA PRO A 10 -26.26 -8.80 -13.73
C PRO A 10 -27.21 -8.84 -14.96
N TYR A 11 -27.51 -7.72 -15.61
CA TYR A 11 -28.31 -7.75 -16.83
C TYR A 11 -27.68 -6.91 -17.92
N GLU A 12 -28.04 -7.23 -19.17
CA GLU A 12 -27.69 -6.38 -20.33
C GLU A 12 -28.84 -5.39 -20.59
N PRO A 13 -28.57 -4.25 -21.23
CA PRO A 13 -29.65 -3.32 -21.54
C PRO A 13 -30.78 -4.00 -22.31
N GLN A 14 -32.04 -3.69 -22.00
CA GLN A 14 -33.18 -4.37 -22.65
C GLN A 14 -34.45 -3.55 -22.74
N GLY A 15 -35.16 -3.73 -23.84
CA GLY A 15 -36.40 -3.01 -24.12
C GLY A 15 -36.02 -1.73 -24.85
N ASP A 16 -36.60 -0.61 -24.43
CA ASP A 16 -36.25 0.68 -25.00
C ASP A 16 -34.85 1.14 -24.56
N GLN A 17 -34.23 0.45 -23.60
CA GLN A 17 -32.96 0.90 -23.08
C GLN A 17 -31.87 1.10 -24.14
N PRO A 18 -31.58 0.08 -24.95
CA PRO A 18 -30.39 0.19 -25.78
C PRO A 18 -30.47 1.28 -26.81
N GLN A 19 -31.65 1.52 -27.37
CA GLN A 19 -31.77 2.67 -28.28
C GLN A 19 -31.59 4.02 -27.52
N ALA A 20 -32.17 4.10 -26.32
CA ALA A 20 -32.05 5.31 -25.52
C ALA A 20 -30.61 5.61 -25.19
N ILE A 21 -29.91 4.60 -24.69
CA ILE A 21 -28.46 4.70 -24.43
C ILE A 21 -27.72 5.25 -25.66
N ALA A 22 -28.04 4.71 -26.83
CA ALA A 22 -27.31 5.06 -28.04
C ALA A 22 -27.59 6.49 -28.43
N LYS A 23 -28.82 6.94 -28.23
CA LYS A 23 -29.25 8.27 -28.69
C LYS A 23 -28.62 9.39 -27.83
N LEU A 24 -28.69 9.18 -26.52
CA LEU A 24 -28.13 10.10 -25.53
C LEU A 24 -26.63 10.20 -25.70
N VAL A 25 -25.96 9.09 -25.97
CA VAL A 25 -24.52 9.14 -26.12
C VAL A 25 -24.12 9.84 -27.42
N ASP A 26 -24.92 9.67 -28.45
CA ASP A 26 -24.64 10.36 -29.69
C ASP A 26 -24.77 11.87 -29.46
N GLY A 27 -25.93 12.27 -28.95
CA GLY A 27 -26.14 13.66 -28.52
C GLY A 27 -24.94 14.27 -27.78
N LEU A 28 -24.47 13.59 -26.73
CA LEU A 28 -23.32 14.07 -25.99
C LEU A 28 -22.06 14.25 -26.82
N ARG A 29 -21.73 13.28 -27.66
CA ARG A 29 -20.49 13.34 -28.49
C ARG A 29 -20.58 14.44 -29.55
N ARG A 30 -21.77 14.60 -30.12
CA ARG A 30 -22.03 15.65 -31.07
C ARG A 30 -21.98 17.04 -30.42
N GLY A 31 -22.19 17.11 -29.11
CA GLY A 31 -22.05 18.37 -28.35
C GLY A 31 -23.35 19.06 -27.93
N VAL A 32 -24.47 18.35 -28.08
CA VAL A 32 -25.74 18.86 -27.66
C VAL A 32 -25.67 19.12 -26.17
N LYS A 33 -26.02 20.36 -25.80
CA LYS A 33 -25.99 20.78 -24.41
C LYS A 33 -27.13 20.16 -23.58
N HIS A 34 -28.36 20.32 -24.06
CA HIS A 34 -29.56 19.88 -23.35
C HIS A 34 -30.18 18.64 -23.97
N GLN A 35 -30.44 17.62 -23.17
CA GLN A 35 -31.18 16.46 -23.67
C GLN A 35 -32.17 15.98 -22.62
N THR A 36 -33.18 15.24 -23.03
CA THR A 36 -34.22 14.76 -22.13
C THR A 36 -34.48 13.26 -22.30
N LEU A 37 -34.25 12.47 -21.27
CA LEU A 37 -34.67 11.09 -21.28
C LEU A 37 -36.07 11.07 -20.74
N LEU A 38 -37.05 10.77 -21.58
CA LEU A 38 -38.42 10.60 -21.12
C LEU A 38 -38.60 9.13 -20.78
N GLY A 39 -38.38 8.76 -19.53
CA GLY A 39 -38.45 7.35 -19.11
C GLY A 39 -39.69 7.02 -18.30
N ALA A 40 -40.55 6.19 -18.83
CA ALA A 40 -41.68 5.73 -18.02
C ALA A 40 -41.19 5.06 -16.75
N THR A 41 -42.04 5.06 -15.74
CA THR A 41 -41.70 4.40 -14.47
C THR A 41 -41.43 2.95 -14.75
N GLY A 42 -40.47 2.38 -14.03
CA GLY A 42 -40.15 0.96 -14.16
C GLY A 42 -39.39 0.60 -15.42
N THR A 43 -38.86 1.58 -16.12
CA THR A 43 -38.10 1.29 -17.30
C THR A 43 -36.58 1.25 -17.02
N GLY A 44 -36.18 1.59 -15.81
CA GLY A 44 -34.79 1.48 -15.42
C GLY A 44 -33.96 2.62 -15.99
N LYS A 45 -34.30 3.83 -15.58
CA LYS A 45 -33.64 5.04 -16.06
C LYS A 45 -32.24 5.19 -15.48
N THR A 46 -32.12 4.97 -14.19
CA THR A 46 -30.80 4.95 -13.55
C THR A 46 -29.85 4.11 -14.39
N PHE A 47 -30.26 2.87 -14.64
CA PHE A 47 -29.41 1.99 -15.43
C PHE A 47 -29.15 2.45 -16.84
N THR A 48 -30.17 3.04 -17.48
CA THR A 48 -29.94 3.64 -18.79
C THR A 48 -28.82 4.63 -18.56
N ILE A 49 -29.05 5.54 -17.61
CA ILE A 49 -28.11 6.63 -17.34
C ILE A 49 -26.70 6.18 -16.98
N SER A 50 -26.59 5.08 -16.27
CA SER A 50 -25.30 4.54 -15.93
C SER A 50 -24.54 4.12 -17.22
N ASN A 51 -25.24 3.52 -18.15
CA ASN A 51 -24.59 3.12 -19.38
C ASN A 51 -24.02 4.32 -20.11
N VAL A 52 -24.76 5.40 -20.07
CA VAL A 52 -24.38 6.60 -20.75
C VAL A 52 -23.13 7.20 -20.11
N ILE A 53 -23.07 7.14 -18.79
CA ILE A 53 -21.95 7.68 -18.04
C ILE A 53 -20.70 6.89 -18.39
N ALA A 54 -20.83 5.57 -18.33
CA ALA A 54 -19.73 4.65 -18.62
C ALA A 54 -19.19 4.82 -20.06
N GLN A 55 -20.09 4.97 -21.02
CA GLN A 55 -19.67 5.20 -22.39
C GLN A 55 -18.95 6.51 -22.66
N VAL A 56 -19.31 7.59 -21.97
CA VAL A 56 -18.69 8.90 -22.26
C VAL A 56 -17.60 9.28 -21.30
N ASN A 57 -17.55 8.59 -20.18
CA ASN A 57 -16.48 8.72 -19.22
C ASN A 57 -16.18 10.15 -18.82
N LYS A 58 -17.08 10.76 -18.05
CA LYS A 58 -16.95 12.12 -17.53
C LYS A 58 -17.40 12.18 -16.10
N PRO A 59 -16.70 12.96 -15.25
CA PRO A 59 -17.23 13.06 -13.89
C PRO A 59 -18.62 13.62 -13.99
N THR A 60 -19.58 13.03 -13.31
CA THR A 60 -20.93 13.51 -13.46
C THR A 60 -21.55 13.81 -12.11
N LEU A 61 -22.43 14.82 -12.12
CA LEU A 61 -23.21 15.25 -10.98
C LEU A 61 -24.67 14.93 -11.24
N VAL A 62 -25.33 14.20 -10.32
CA VAL A 62 -26.77 14.04 -10.45
C VAL A 62 -27.47 14.82 -9.36
N ILE A 63 -28.40 15.66 -9.78
CA ILE A 63 -29.18 16.46 -8.89
C ILE A 63 -30.53 15.81 -8.71
N ALA A 64 -30.89 15.53 -7.47
CA ALA A 64 -32.20 14.99 -7.11
C ALA A 64 -32.95 16.07 -6.37
N HIS A 65 -34.25 15.94 -6.30
CA HIS A 65 -35.04 16.90 -5.59
C HIS A 65 -35.36 16.45 -4.15
N ASN A 66 -35.13 15.19 -3.79
CA ASN A 66 -35.14 14.86 -2.37
C ASN A 66 -34.09 13.83 -1.83
N LYS A 67 -33.81 13.91 -0.54
CA LYS A 67 -32.83 13.03 0.12
C LYS A 67 -33.16 11.54 0.12
N THR A 68 -34.43 11.18 0.20
CA THR A 68 -34.80 9.77 -0.05
C THR A 68 -34.31 9.32 -1.43
N LEU A 69 -34.86 9.91 -2.49
CA LEU A 69 -34.43 9.57 -3.84
C LEU A 69 -32.93 9.65 -3.97
N ALA A 70 -32.36 10.76 -3.52
CA ALA A 70 -30.91 10.96 -3.55
C ALA A 70 -30.24 9.73 -2.97
N GLY A 71 -30.76 9.32 -1.81
CA GLY A 71 -30.24 8.18 -1.07
C GLY A 71 -30.19 6.96 -1.91
N GLN A 72 -31.34 6.64 -2.50
CA GLN A 72 -31.50 5.48 -3.39
C GLN A 72 -30.56 5.53 -4.59
N LEU A 73 -30.63 6.56 -5.42
CA LEU A 73 -29.67 6.72 -6.51
C LEU A 73 -28.21 6.46 -6.02
N TYR A 74 -27.80 7.12 -4.94
CA TYR A 74 -26.48 6.88 -4.40
C TYR A 74 -26.26 5.39 -4.22
N SER A 75 -27.19 4.73 -3.54
CA SER A 75 -27.07 3.31 -3.29
C SER A 75 -27.09 2.47 -4.57
N GLU A 76 -27.99 2.81 -5.49
CA GLU A 76 -28.06 2.09 -6.76
C GLU A 76 -26.73 2.21 -7.50
N LEU A 77 -26.17 3.40 -7.55
CA LEU A 77 -24.93 3.67 -8.31
C LEU A 77 -23.68 3.17 -7.60
N LYS A 78 -23.74 3.06 -6.27
CA LYS A 78 -22.70 2.36 -5.52
C LYS A 78 -22.55 0.94 -6.08
N GLU A 79 -23.67 0.26 -6.28
CA GLU A 79 -23.63 -1.11 -6.78
C GLU A 79 -23.23 -1.20 -8.25
N PHE A 80 -23.70 -0.28 -9.10
CA PHE A 80 -23.34 -0.29 -10.54
C PHE A 80 -21.87 0.06 -10.80
N PHE A 81 -21.27 0.86 -9.92
CA PHE A 81 -19.89 1.34 -10.08
C PHE A 81 -19.08 1.07 -8.84
N PRO A 82 -18.88 -0.20 -8.51
CA PRO A 82 -18.24 -0.52 -7.26
C PRO A 82 -16.73 -0.22 -7.26
N HIS A 83 -16.12 0.10 -8.40
CA HIS A 83 -14.68 0.40 -8.38
C HIS A 83 -14.41 1.85 -8.63
N ASN A 84 -15.43 2.67 -8.48
CA ASN A 84 -15.35 4.10 -8.81
C ASN A 84 -15.78 4.96 -7.64
N ALA A 85 -15.55 6.26 -7.72
CA ALA A 85 -15.93 7.19 -6.67
C ALA A 85 -17.39 7.68 -6.79
N VAL A 86 -18.30 6.92 -6.21
CA VAL A 86 -19.69 7.32 -6.03
C VAL A 86 -19.83 8.03 -4.69
N GLU A 87 -20.24 9.30 -4.75
CA GLU A 87 -20.17 10.22 -3.58
C GLU A 87 -21.53 10.85 -3.26
N TYR A 88 -21.63 11.57 -2.13
CA TYR A 88 -22.92 12.14 -1.64
C TYR A 88 -22.78 13.57 -1.15
N PHE A 89 -23.68 14.45 -1.59
CA PHE A 89 -23.61 15.87 -1.27
C PHE A 89 -24.98 16.50 -1.08
N VAL A 90 -25.27 16.89 0.16
CA VAL A 90 -26.58 17.37 0.54
C VAL A 90 -26.32 18.40 1.66
N SER A 91 -27.36 19.11 2.09
CA SER A 91 -27.28 19.82 3.37
C SER A 91 -26.88 18.85 4.48
N TYR A 92 -25.97 19.32 5.33
CA TYR A 92 -25.44 18.49 6.39
C TYR A 92 -26.04 18.87 7.73
N TYR A 93 -27.19 19.54 7.70
CA TYR A 93 -27.82 20.07 8.90
C TYR A 93 -28.90 19.10 9.34
N ASP A 94 -28.84 18.60 10.57
CA ASP A 94 -29.96 17.85 11.14
C ASP A 94 -31.21 18.76 11.21
N TYR A 95 -31.13 19.85 11.96
CA TYR A 95 -32.13 20.93 11.84
C TYR A 95 -31.47 22.27 11.50
N TYR A 96 -32.20 23.10 10.77
CA TYR A 96 -31.76 24.48 10.49
C TYR A 96 -32.92 25.45 10.38
N GLN A 97 -32.80 26.55 11.13
CA GLN A 97 -33.67 27.72 10.99
C GLN A 97 -32.84 28.97 10.71
N PRO A 98 -33.10 29.64 9.58
CA PRO A 98 -32.27 30.79 9.26
C PRO A 98 -32.69 32.03 10.00
N GLU A 99 -31.76 32.94 10.16
CA GLU A 99 -32.08 34.30 10.54
C GLU A 99 -33.20 34.83 9.66
N ALA A 100 -34.20 35.46 10.25
CA ALA A 100 -35.26 36.07 9.47
C ALA A 100 -36.07 37.09 10.29
N TYR A 101 -36.64 38.07 9.58
CA TYR A 101 -37.60 39.05 10.10
C TYR A 101 -38.95 39.05 9.35
N VAL A 102 -40.04 38.83 10.08
CA VAL A 102 -41.38 38.86 9.50
C VAL A 102 -42.13 40.16 9.82
N PRO A 103 -42.14 41.12 8.87
CA PRO A 103 -42.77 42.40 9.19
C PRO A 103 -44.23 42.30 9.66
N GLN A 104 -44.98 41.37 9.12
CA GLN A 104 -46.39 41.24 9.44
C GLN A 104 -46.61 40.91 10.91
N THR A 105 -45.66 40.25 11.55
CA THR A 105 -45.72 39.98 12.99
C THR A 105 -44.67 40.78 13.79
N ASP A 106 -43.95 41.67 13.11
CA ASP A 106 -42.79 42.30 13.70
C ASP A 106 -41.99 41.28 14.56
N THR A 107 -41.68 40.13 13.97
CA THR A 107 -40.91 39.11 14.68
C THR A 107 -39.56 38.84 14.04
N TYR A 108 -38.53 38.89 14.87
CA TYR A 108 -37.17 38.49 14.48
C TYR A 108 -36.98 37.07 14.97
N ILE A 109 -36.41 36.20 14.11
CA ILE A 109 -36.07 34.82 14.47
C ILE A 109 -34.55 34.60 14.42
N GLU A 110 -34.01 34.11 15.53
CA GLU A 110 -32.58 33.89 15.69
C GLU A 110 -32.24 32.65 14.89
N LYS A 111 -31.03 32.63 14.31
CA LYS A 111 -30.51 31.46 13.59
C LYS A 111 -30.25 30.33 14.54
N ASP A 112 -30.68 29.14 14.17
CA ASP A 112 -30.45 27.95 14.97
C ASP A 112 -30.15 26.79 14.02
N ALA A 113 -29.15 25.99 14.34
CA ALA A 113 -28.66 24.94 13.44
C ALA A 113 -27.82 23.90 14.17
N LYS A 114 -27.92 22.67 13.70
CA LYS A 114 -27.13 21.55 14.23
C LYS A 114 -26.64 20.71 13.05
N ILE A 115 -25.37 20.27 13.18
CA ILE A 115 -24.70 19.63 12.08
C ILE A 115 -24.53 18.14 12.26
N ASN A 116 -24.99 17.38 11.28
CA ASN A 116 -24.74 15.96 11.15
C ASN A 116 -23.31 15.70 10.70
N ASP A 117 -22.56 14.96 11.52
CA ASP A 117 -21.15 14.65 11.23
C ASP A 117 -20.98 13.80 9.97
N GLU A 118 -21.80 12.76 9.84
CA GLU A 118 -21.70 11.85 8.71
C GLU A 118 -21.92 12.57 7.34
N ILE A 119 -22.81 13.55 7.27
CA ILE A 119 -23.01 14.20 5.97
C ILE A 119 -21.88 15.15 5.70
N ASP A 120 -21.37 15.76 6.75
CA ASP A 120 -20.22 16.65 6.62
C ASP A 120 -19.06 15.86 6.04
N LYS A 121 -18.80 14.69 6.63
CA LYS A 121 -17.79 13.79 6.11
C LYS A 121 -17.98 13.52 4.62
N LEU A 122 -19.17 13.08 4.24
CA LEU A 122 -19.44 12.68 2.83
C LEU A 122 -19.25 13.81 1.83
N ARG A 123 -19.55 15.02 2.29
CA ARG A 123 -19.34 16.21 1.49
C ARG A 123 -17.85 16.44 1.30
N HIS A 124 -17.05 16.22 2.32
CA HIS A 124 -15.60 16.31 2.17
C HIS A 124 -15.03 15.20 1.30
N SER A 125 -15.64 14.03 1.39
CA SER A 125 -15.27 12.93 0.53
C SER A 125 -15.72 13.22 -0.90
N ALA A 126 -16.71 14.09 -1.08
CA ALA A 126 -17.19 14.44 -2.43
C ALA A 126 -16.29 15.44 -3.13
N THR A 127 -15.92 16.49 -2.42
CA THR A 127 -15.09 17.52 -3.00
C THR A 127 -13.67 17.02 -3.18
N SER A 128 -13.09 16.36 -2.17
CA SER A 128 -11.70 15.87 -2.33
C SER A 128 -11.65 14.94 -3.55
N ALA A 129 -12.59 13.99 -3.59
CA ALA A 129 -12.64 13.04 -4.69
C ALA A 129 -12.44 13.67 -6.06
N LEU A 130 -13.07 14.81 -6.31
CA LEU A 130 -12.92 15.46 -7.62
C LEU A 130 -11.51 15.99 -7.92
N PHE A 131 -10.67 16.18 -6.92
CA PHE A 131 -9.32 16.62 -7.15
C PHE A 131 -8.32 15.48 -7.26
N GLU A 132 -8.75 14.27 -6.95
CA GLU A 132 -7.87 13.13 -6.92
C GLU A 132 -8.05 12.27 -8.13
N ARG A 133 -9.27 12.13 -8.57
CA ARG A 133 -9.60 11.22 -9.65
C ARG A 133 -10.73 11.74 -10.52
N ARG A 134 -10.91 11.07 -11.65
CA ARG A 134 -11.86 11.51 -12.69
C ARG A 134 -13.11 10.64 -12.80
N ASP A 135 -13.01 9.39 -12.36
CA ASP A 135 -14.14 8.49 -12.35
C ASP A 135 -15.08 8.73 -11.17
N VAL A 136 -15.75 9.89 -11.17
CA VAL A 136 -16.53 10.32 -10.00
C VAL A 136 -17.99 10.60 -10.34
N ILE A 137 -18.89 10.15 -9.48
CA ILE A 137 -20.29 10.54 -9.60
C ILE A 137 -20.73 11.10 -8.27
N ILE A 138 -21.35 12.27 -8.29
CA ILE A 138 -21.86 12.86 -7.04
C ILE A 138 -23.37 12.95 -7.13
N VAL A 139 -24.02 12.29 -6.19
CA VAL A 139 -25.47 12.35 -6.05
C VAL A 139 -25.69 13.48 -5.09
N ALA A 140 -26.35 14.54 -5.57
CA ALA A 140 -26.52 15.76 -4.81
C ALA A 140 -27.93 16.26 -4.78
N SER A 141 -28.23 17.03 -3.73
CA SER A 141 -29.41 17.86 -3.69
C SER A 141 -29.06 19.25 -4.22
N VAL A 142 -30.02 20.15 -4.16
CA VAL A 142 -29.73 21.52 -4.60
C VAL A 142 -28.70 22.20 -3.70
N SER A 143 -28.22 21.48 -2.69
CA SER A 143 -27.10 21.96 -1.86
C SER A 143 -25.85 22.36 -2.68
N SER A 144 -25.83 21.82 -3.89
CA SER A 144 -24.79 22.02 -4.86
C SER A 144 -24.92 23.31 -5.64
N ILE A 145 -25.93 24.15 -5.38
CA ILE A 145 -25.87 25.55 -5.95
C ILE A 145 -25.65 26.59 -4.88
N TYR A 146 -25.53 26.12 -3.64
CA TYR A 146 -25.25 27.03 -2.54
C TYR A 146 -23.76 27.17 -2.45
N GLY A 147 -23.31 28.24 -1.82
CA GLY A 147 -21.91 28.64 -1.82
C GLY A 147 -20.92 27.76 -1.11
N LEU A 148 -19.78 27.55 -1.77
CA LEU A 148 -18.51 27.06 -1.19
C LEU A 148 -17.37 28.08 -1.37
N GLY A 149 -16.30 27.89 -0.62
CA GLY A 149 -15.11 28.69 -0.81
C GLY A 149 -14.53 28.29 -2.15
N SER A 150 -13.67 29.11 -2.73
CA SER A 150 -13.15 28.82 -4.08
C SER A 150 -12.45 27.48 -4.07
N PRO A 151 -12.63 26.68 -5.12
CA PRO A 151 -11.98 25.41 -5.25
C PRO A 151 -10.48 25.56 -5.55
N GLU A 152 -10.09 26.66 -6.15
CA GLU A 152 -8.66 26.91 -6.35
C GLU A 152 -7.94 27.12 -5.00
N GLU A 153 -8.53 27.90 -4.10
CA GLU A 153 -8.01 27.98 -2.74
C GLU A 153 -8.08 26.62 -2.03
N TYR A 154 -9.16 25.89 -2.23
CA TYR A 154 -9.34 24.57 -1.63
C TYR A 154 -8.19 23.64 -2.01
N ARG A 155 -7.92 23.54 -3.31
CA ARG A 155 -6.86 22.67 -3.80
C ARG A 155 -5.51 23.10 -3.28
N GLU A 156 -5.20 24.38 -3.36
CA GLU A 156 -3.86 24.82 -3.03
C GLU A 156 -3.48 24.59 -1.57
N LEU A 157 -4.46 24.55 -0.69
CA LEU A 157 -4.20 24.31 0.74
C LEU A 157 -4.06 22.83 1.14
N VAL A 158 -4.15 21.91 0.18
CA VAL A 158 -3.93 20.50 0.48
C VAL A 158 -2.49 20.27 0.91
N VAL A 159 -2.32 19.44 1.94
CA VAL A 159 -1.01 18.95 2.38
C VAL A 159 -0.65 17.62 1.70
N SER A 160 0.26 17.70 0.74
CA SER A 160 0.77 16.48 0.09
C SER A 160 1.77 15.75 0.96
N LEU A 161 1.72 14.43 0.93
CA LEU A 161 2.56 13.63 1.80
C LEU A 161 3.00 12.43 1.03
N ARG A 162 4.32 12.32 0.80
CA ARG A 162 4.89 11.23 -0.04
C ARG A 162 6.08 10.53 0.65
N VAL A 163 6.33 9.26 0.35
CA VAL A 163 7.54 8.63 0.94
C VAL A 163 8.72 9.29 0.29
N GLY A 164 9.69 9.67 1.10
CA GLY A 164 10.87 10.36 0.59
C GLY A 164 10.84 11.85 0.77
N MET A 165 9.65 12.43 0.84
CA MET A 165 9.50 13.84 1.16
C MET A 165 10.35 14.24 2.35
N GLU A 166 10.94 15.41 2.22
CA GLU A 166 11.58 16.07 3.33
C GLU A 166 10.58 17.08 3.88
N ILE A 167 10.29 16.98 5.18
CA ILE A 167 9.33 17.89 5.85
C ILE A 167 9.51 17.80 7.37
N GLU A 168 9.56 18.94 8.02
CA GLU A 168 9.69 19.01 9.47
C GLU A 168 8.35 18.55 10.07
N ARG A 169 8.38 17.80 11.16
CA ARG A 169 7.15 17.30 11.80
C ARG A 169 6.21 18.44 12.15
N ASN A 170 6.72 19.37 12.95
CA ASN A 170 5.88 20.41 13.56
C ASN A 170 5.41 21.42 12.53
N ALA A 171 6.07 21.47 11.39
CA ALA A 171 5.59 22.27 10.29
C ALA A 171 4.31 21.63 9.76
N LEU A 172 4.37 20.33 9.51
CA LEU A 172 3.20 19.55 9.12
C LEU A 172 2.04 19.76 10.11
N LEU A 173 2.36 19.78 11.40
CA LEU A 173 1.34 19.99 12.42
C LEU A 173 0.74 21.38 12.26
N ARG A 174 1.58 22.37 12.09
CA ARG A 174 1.11 23.73 11.87
C ARG A 174 0.18 23.74 10.70
N ARG A 175 0.62 23.11 9.62
CA ARG A 175 -0.12 23.15 8.37
C ARG A 175 -1.47 22.49 8.52
N LEU A 176 -1.52 21.33 9.18
CA LEU A 176 -2.79 20.65 9.47
C LEU A 176 -3.75 21.55 10.24
N VAL A 177 -3.20 22.25 11.24
CA VAL A 177 -3.95 23.21 12.02
C VAL A 177 -4.47 24.31 11.11
N ASP A 178 -3.59 24.89 10.30
CA ASP A 178 -3.99 25.96 9.38
C ASP A 178 -5.19 25.54 8.53
N ILE A 179 -5.24 24.26 8.12
CA ILE A 179 -6.41 23.77 7.37
C ILE A 179 -7.50 23.08 8.22
N GLN A 180 -7.62 23.56 9.45
CA GLN A 180 -8.78 23.28 10.30
C GLN A 180 -8.81 21.91 10.90
N TYR A 181 -7.69 21.20 10.92
CA TYR A 181 -7.57 19.99 11.74
C TYR A 181 -7.20 20.40 13.14
N ASP A 182 -7.81 19.75 14.13
CA ASP A 182 -7.53 20.00 15.56
C ASP A 182 -6.69 18.86 16.08
N ARG A 183 -5.80 19.15 17.03
CA ARG A 183 -5.01 18.08 17.64
C ARG A 183 -5.86 17.44 18.69
N ASN A 184 -5.82 16.11 18.74
CA ASN A 184 -6.56 15.41 19.76
C ASN A 184 -5.94 14.06 20.02
N ASP A 185 -5.30 13.93 21.18
CA ASP A 185 -4.62 12.70 21.59
C ASP A 185 -5.62 11.73 22.25
N ILE A 186 -6.54 12.27 23.04
CA ILE A 186 -7.51 11.48 23.77
C ILE A 186 -8.52 10.87 22.83
N ASP A 187 -9.16 11.73 22.05
CA ASP A 187 -10.30 11.33 21.25
C ASP A 187 -10.01 11.52 19.75
N PHE A 188 -9.48 10.48 19.11
CA PHE A 188 -8.96 10.56 17.74
C PHE A 188 -10.03 10.19 16.73
N ARG A 189 -10.82 11.19 16.35
CA ARG A 189 -11.92 11.05 15.41
C ARG A 189 -11.55 11.82 14.13
N ARG A 190 -12.43 11.83 13.13
CA ARG A 190 -12.13 12.59 11.92
C ARG A 190 -11.95 14.08 12.17
N GLY A 191 -11.17 14.72 11.32
CA GLY A 191 -10.85 16.14 11.44
C GLY A 191 -9.78 16.40 12.47
N THR A 192 -8.99 15.39 12.78
CA THR A 192 -7.98 15.53 13.82
C THR A 192 -6.70 14.79 13.51
N PHE A 193 -5.66 15.13 14.27
CA PHE A 193 -4.38 14.44 14.20
C PHE A 193 -3.80 14.28 15.57
N ARG A 194 -2.80 13.44 15.67
CA ARG A 194 -2.03 13.33 16.90
C ARG A 194 -0.64 12.76 16.64
N VAL A 195 0.20 12.78 17.67
CA VAL A 195 1.53 12.19 17.55
C VAL A 195 1.79 11.10 18.61
N ARG A 196 2.43 10.02 18.15
CA ARG A 196 2.87 8.93 19.01
C ARG A 196 4.31 8.58 18.63
N GLY A 197 5.24 9.34 19.21
CA GLY A 197 6.66 9.18 18.95
C GLY A 197 7.01 9.84 17.64
N ASP A 198 7.59 9.03 16.75
CA ASP A 198 7.99 9.48 15.43
C ASP A 198 6.89 9.26 14.38
N VAL A 199 5.66 8.95 14.81
CA VAL A 199 4.54 8.79 13.88
C VAL A 199 3.45 9.82 14.11
N VAL A 200 3.00 10.44 13.03
CA VAL A 200 1.89 11.37 13.08
C VAL A 200 0.65 10.69 12.51
N GLU A 201 -0.37 10.56 13.35
CA GLU A 201 -1.67 10.03 12.95
C GLU A 201 -2.55 11.21 12.52
N ILE A 202 -3.16 11.06 11.35
CA ILE A 202 -4.08 12.03 10.77
C ILE A 202 -5.37 11.31 10.35
N PHE A 203 -6.48 11.98 10.62
CA PHE A 203 -7.77 11.39 10.33
C PHE A 203 -8.41 12.34 9.31
N PRO A 204 -8.36 11.98 8.02
CA PRO A 204 -8.85 12.90 7.00
C PRO A 204 -10.28 13.30 7.25
N ALA A 205 -10.58 14.52 6.83
CA ALA A 205 -11.91 15.09 6.98
C ALA A 205 -12.97 14.31 6.22
N SER A 206 -12.53 13.49 5.28
CA SER A 206 -13.42 12.66 4.49
C SER A 206 -13.56 11.22 4.96
N ARG A 207 -13.04 10.86 6.12
CA ARG A 207 -12.97 9.45 6.50
C ARG A 207 -13.58 9.12 7.87
N ASP A 208 -14.18 7.94 7.97
CA ASP A 208 -14.81 7.52 9.21
C ASP A 208 -14.02 6.52 9.97
N GLU A 209 -13.60 5.46 9.28
CA GLU A 209 -13.06 4.29 9.93
C GLU A 209 -11.63 4.03 9.48
N HIS A 210 -10.99 5.00 8.83
CA HIS A 210 -9.69 4.76 8.21
C HIS A 210 -8.73 5.94 8.35
N SER A 211 -7.83 5.86 9.35
CA SER A 211 -6.83 6.92 9.62
C SER A 211 -5.60 6.78 8.71
N ILE A 212 -4.82 7.84 8.61
CA ILE A 212 -3.53 7.81 7.93
C ILE A 212 -2.44 7.85 8.98
N ARG A 213 -1.45 6.98 8.84
CA ARG A 213 -0.39 6.85 9.83
C ARG A 213 0.91 7.17 9.14
N VAL A 214 1.50 8.31 9.47
CA VAL A 214 2.72 8.79 8.78
C VAL A 214 3.97 8.60 9.64
N GLU A 215 4.86 7.70 9.21
CA GLU A 215 6.09 7.39 9.98
C GLU A 215 7.26 8.27 9.52
N PHE A 216 7.93 8.88 10.49
CA PHE A 216 8.99 9.83 10.23
C PHE A 216 10.34 9.27 10.60
N PHE A 217 11.36 9.73 9.90
CA PHE A 217 12.73 9.41 10.25
C PHE A 217 13.30 10.54 11.09
N GLY A 218 13.68 11.61 10.43
CA GLY A 218 13.94 12.83 11.15
C GLY A 218 13.03 13.84 10.52
N ASP A 219 13.43 14.28 9.35
CA ASP A 219 12.61 15.14 8.56
C ASP A 219 12.15 14.36 7.36
N GLU A 220 12.32 13.04 7.37
CA GLU A 220 11.91 12.31 6.18
C GLU A 220 10.80 11.34 6.51
N ILE A 221 9.80 11.29 5.66
CA ILE A 221 8.73 10.33 5.81
C ILE A 221 9.29 9.01 5.35
N GLU A 222 9.48 8.06 6.24
CA GLU A 222 9.95 6.74 5.82
C GLU A 222 8.79 5.96 5.15
N ARG A 223 7.64 5.92 5.77
CA ARG A 223 6.52 5.20 5.17
C ARG A 223 5.16 5.75 5.60
N ILE A 224 4.15 5.43 4.79
CA ILE A 224 2.80 5.91 5.00
C ILE A 224 1.83 4.75 4.91
N ARG A 225 0.98 4.61 5.93
CA ARG A 225 0.06 3.46 6.04
C ARG A 225 -1.40 3.83 6.40
N GLU A 226 -2.35 3.16 5.75
CA GLU A 226 -3.75 3.26 6.10
C GLU A 226 -3.99 2.45 7.38
N VAL A 227 -4.92 2.89 8.20
CA VAL A 227 -5.15 2.25 9.47
C VAL A 227 -6.63 2.23 9.82
N ASP A 228 -7.08 1.08 10.31
CA ASP A 228 -8.43 0.95 10.85
C ASP A 228 -8.55 1.81 12.10
N ALA A 229 -9.56 2.68 12.12
CA ALA A 229 -9.84 3.51 13.27
C ALA A 229 -10.25 2.60 14.43
N LEU A 230 -11.22 1.72 14.17
CA LEU A 230 -11.70 0.76 15.18
C LEU A 230 -10.53 -0.08 15.74
N THR A 231 -10.04 -1.03 14.93
CA THR A 231 -9.07 -2.02 15.41
C THR A 231 -7.66 -1.46 15.69
N GLY A 232 -7.03 -0.84 14.71
CA GLY A 232 -5.63 -0.40 14.83
C GLY A 232 -4.64 -1.07 13.88
N GLU A 233 -5.06 -2.15 13.22
CA GLU A 233 -4.17 -2.83 12.28
C GLU A 233 -3.94 -1.97 11.02
N VAL A 234 -2.95 -2.36 10.21
CA VAL A 234 -2.66 -1.72 8.91
C VAL A 234 -3.62 -2.22 7.86
N LEU A 235 -3.85 -1.43 6.82
CA LEU A 235 -4.73 -1.84 5.72
C LEU A 235 -4.25 -1.26 4.38
N GLY A 236 -2.99 -1.47 4.07
CA GLY A 236 -2.40 -0.89 2.86
C GLY A 236 -1.13 -0.08 3.13
N GLU A 237 -0.29 -0.05 2.11
CA GLU A 237 0.97 0.66 2.16
C GLU A 237 0.79 1.72 1.10
N ARG A 238 0.99 2.98 1.47
CA ARG A 238 0.83 4.07 0.52
C ARG A 238 2.16 4.68 0.18
N GLU A 239 2.34 5.00 -1.09
CA GLU A 239 3.51 5.75 -1.51
C GLU A 239 3.25 7.22 -1.25
N HIS A 240 2.00 7.64 -1.42
CA HIS A 240 1.62 9.05 -1.25
C HIS A 240 0.19 9.18 -0.76
N VAL A 241 -0.17 10.37 -0.31
CA VAL A 241 -1.51 10.61 0.18
C VAL A 241 -1.70 12.07 0.37
N ALA A 242 -2.88 12.56 0.02
CA ALA A 242 -3.19 13.99 0.13
C ALA A 242 -4.22 14.26 1.21
N ILE A 243 -3.95 15.22 2.07
CA ILE A 243 -4.87 15.59 3.14
C ILE A 243 -5.53 16.90 2.81
N PHE A 244 -6.84 16.87 2.54
CA PHE A 244 -7.55 18.09 2.15
C PHE A 244 -8.07 18.84 3.36
N PRO A 245 -8.40 20.10 3.19
CA PRO A 245 -8.90 20.90 4.29
C PRO A 245 -10.12 20.33 4.92
N ALA A 246 -10.27 20.62 6.20
CA ALA A 246 -11.37 20.10 7.01
C ALA A 246 -12.57 21.04 6.97
N SER A 247 -12.46 22.11 6.20
CA SER A 247 -13.55 23.00 5.91
C SER A 247 -13.49 23.49 4.48
N HIS A 248 -14.64 23.82 3.91
CA HIS A 248 -14.69 24.35 2.55
C HIS A 248 -14.51 25.86 2.46
N PHE A 249 -14.40 26.51 3.62
CA PHE A 249 -14.14 27.94 3.70
C PHE A 249 -12.90 28.07 4.57
N VAL A 250 -11.92 28.81 4.13
CA VAL A 250 -10.79 29.08 5.01
C VAL A 250 -10.43 30.58 4.96
N CYS A 251 -10.67 31.26 6.09
CA CYS A 251 -10.21 32.61 6.34
C CYS A 251 -8.71 32.57 6.62
N ARG A 252 -7.97 33.51 6.02
CA ARG A 252 -6.52 33.66 6.26
C ARG A 252 -6.15 35.04 6.78
N GLU A 253 -5.51 35.09 7.96
CA GLU A 253 -5.24 36.33 8.70
C GLU A 253 -4.76 37.49 7.84
N GLU A 254 -3.82 37.21 6.94
CA GLU A 254 -3.29 38.21 6.03
C GLU A 254 -4.37 39.21 5.59
N LYS A 255 -5.45 38.67 5.04
CA LYS A 255 -6.45 39.48 4.34
C LYS A 255 -7.71 39.78 5.17
N MET A 256 -7.91 39.07 6.27
CA MET A 256 -8.97 39.36 7.24
C MET A 256 -8.94 40.86 7.66
N ARG A 257 -7.74 41.42 7.83
CA ARG A 257 -7.56 42.80 8.25
C ARG A 257 -8.31 43.73 7.31
N LEU A 258 -7.91 43.78 6.04
CA LEU A 258 -8.54 44.66 5.04
C LEU A 258 -10.06 44.45 4.97
N ALA A 259 -10.49 43.21 5.19
CA ALA A 259 -11.90 42.86 5.14
C ALA A 259 -12.69 43.67 6.16
N ILE A 260 -12.11 43.78 7.35
CA ILE A 260 -12.74 44.53 8.42
C ILE A 260 -12.87 46.04 8.13
N GLN A 261 -11.84 46.64 7.56
CA GLN A 261 -11.91 48.06 7.17
C GLN A 261 -13.14 48.20 6.26
N ASN A 262 -13.15 47.41 5.20
CA ASN A 262 -14.19 47.46 4.17
C ASN A 262 -15.61 47.25 4.72
N ILE A 263 -15.72 46.40 5.75
CA ILE A 263 -17.00 46.19 6.39
C ILE A 263 -17.39 47.45 7.16
N GLU A 264 -16.45 47.96 7.96
CA GLU A 264 -16.69 49.18 8.77
C GLU A 264 -17.02 50.39 7.90
N GLN A 265 -16.46 50.43 6.70
CA GLN A 265 -16.75 51.48 5.73
C GLN A 265 -18.16 51.34 5.18
N GLU A 266 -18.58 50.09 4.96
CA GLU A 266 -19.93 49.80 4.46
C GLU A 266 -20.96 50.16 5.51
N LEU A 267 -20.64 49.81 6.76
CA LEU A 267 -21.51 50.11 7.91
C LEU A 267 -21.86 51.59 8.05
N GLU A 268 -20.82 52.43 8.08
CA GLU A 268 -20.98 53.88 8.12
C GLU A 268 -21.92 54.37 7.04
N GLU A 269 -21.64 53.96 5.81
CA GLU A 269 -22.39 54.45 4.65
C GLU A 269 -23.87 54.09 4.68
N ARG A 270 -24.19 52.89 5.15
CA ARG A 270 -25.60 52.51 5.23
C ARG A 270 -26.24 53.12 6.47
N LEU A 271 -25.50 53.18 7.56
CA LEU A 271 -26.01 53.87 8.78
C LEU A 271 -26.48 55.30 8.43
N ALA A 272 -25.57 56.03 7.81
CA ALA A 272 -25.84 57.34 7.26
C ALA A 272 -27.05 57.30 6.32
N GLU A 273 -26.99 56.39 5.36
CA GLU A 273 -28.07 56.24 4.40
C GLU A 273 -29.44 56.08 5.09
N LEU A 274 -29.46 55.35 6.19
CA LEU A 274 -30.71 55.00 6.89
C LEU A 274 -31.24 56.13 7.77
N ARG A 275 -30.30 56.83 8.38
CA ARG A 275 -30.62 58.03 9.15
C ARG A 275 -31.14 59.10 8.19
N ALA A 276 -30.37 59.44 7.17
CA ALA A 276 -30.85 60.33 6.12
C ALA A 276 -32.33 60.07 5.76
N GLN A 277 -32.76 58.82 5.79
CA GLN A 277 -34.15 58.48 5.51
C GLN A 277 -35.00 58.42 6.75
N GLY A 278 -34.42 58.71 7.89
CA GLY A 278 -35.16 58.72 9.13
C GLY A 278 -35.60 57.34 9.57
N LYS A 279 -34.78 56.32 9.28
CA LYS A 279 -35.04 54.95 9.74
C LYS A 279 -34.11 54.71 10.92
N LEU A 280 -34.44 55.31 12.05
CA LEU A 280 -33.45 55.47 13.11
C LEU A 280 -33.26 54.26 13.98
N LEU A 281 -34.35 53.52 14.14
CA LEU A 281 -34.33 52.26 14.87
C LEU A 281 -33.52 51.27 14.08
N GLU A 282 -33.78 51.26 12.78
CA GLU A 282 -33.11 50.38 11.86
C GLU A 282 -31.59 50.54 11.98
N ALA A 283 -31.12 51.79 12.02
CA ALA A 283 -29.66 52.05 12.13
C ALA A 283 -29.16 51.66 13.51
N GLN A 284 -30.03 51.79 14.50
CA GLN A 284 -29.66 51.36 15.82
C GLN A 284 -29.37 49.88 15.85
N ARG A 285 -30.28 49.08 15.28
CA ARG A 285 -30.09 47.62 15.08
C ARG A 285 -28.77 47.25 14.40
N LEU A 286 -28.57 47.85 13.23
CA LEU A 286 -27.47 47.48 12.38
C LEU A 286 -26.17 47.80 13.08
N GLU A 287 -26.09 49.03 13.61
CA GLU A 287 -24.99 49.48 14.48
C GLU A 287 -24.75 48.45 15.55
N GLN A 288 -25.76 48.18 16.36
CA GLN A 288 -25.54 47.30 17.49
C GLN A 288 -24.97 45.95 17.11
N ARG A 289 -25.56 45.29 16.11
CA ARG A 289 -25.08 43.95 15.77
C ARG A 289 -23.80 44.03 14.94
N THR A 290 -23.79 44.85 13.93
CA THR A 290 -22.63 44.88 13.10
C THR A 290 -21.37 45.09 13.92
N ARG A 291 -21.41 45.98 14.93
CA ARG A 291 -20.24 46.22 15.81
C ARG A 291 -19.93 45.04 16.70
N TYR A 292 -20.96 44.41 17.26
CA TYR A 292 -20.73 43.20 18.04
C TYR A 292 -20.04 42.11 17.23
N ASP A 293 -20.53 41.84 16.02
CA ASP A 293 -19.89 40.87 15.10
C ASP A 293 -18.42 41.27 14.79
N LEU A 294 -18.20 42.54 14.48
CA LEU A 294 -16.86 43.02 14.20
C LEU A 294 -15.92 42.93 15.40
N GLU A 295 -16.48 43.07 16.59
CA GLU A 295 -15.71 42.87 17.80
C GLU A 295 -15.15 41.46 17.82
N MET A 296 -16.00 40.47 17.57
CA MET A 296 -15.62 39.07 17.63
C MET A 296 -14.73 38.61 16.49
N MET A 297 -14.58 39.44 15.47
CA MET A 297 -13.64 39.16 14.39
C MET A 297 -12.26 39.78 14.65
N ARG A 298 -12.19 40.65 15.67
CA ARG A 298 -10.92 41.25 16.09
C ARG A 298 -10.39 40.68 17.41
N GLU A 299 -11.23 39.98 18.17
CA GLU A 299 -10.77 39.22 19.34
C GLU A 299 -10.52 37.78 18.92
N MET A 300 -11.54 37.11 18.41
CA MET A 300 -11.42 35.76 17.89
C MET A 300 -11.16 35.83 16.37
N GLY A 301 -11.33 34.71 15.68
CA GLY A 301 -11.34 34.70 14.20
C GLY A 301 -12.74 34.68 13.63
N PHE A 302 -13.57 33.77 14.16
CA PHE A 302 -14.96 33.51 13.71
C PHE A 302 -15.99 34.20 14.61
N SER A 303 -16.82 35.07 14.01
CA SER A 303 -18.01 35.65 14.67
C SER A 303 -19.32 34.89 14.33
N SER A 304 -20.36 35.12 15.11
CA SER A 304 -21.67 34.59 14.82
C SER A 304 -22.11 35.03 13.41
N GLY A 305 -22.86 34.15 12.74
CA GLY A 305 -23.35 34.39 11.39
C GLY A 305 -22.32 35.00 10.45
N ILE A 306 -21.08 34.54 10.56
CA ILE A 306 -20.00 35.14 9.81
C ILE A 306 -20.32 35.10 8.33
N GLU A 307 -21.06 34.09 7.92
CA GLU A 307 -21.37 33.86 6.52
C GLU A 307 -22.00 35.06 5.82
N ASN A 308 -22.62 35.96 6.59
CA ASN A 308 -23.19 37.19 6.05
C ASN A 308 -22.15 38.16 5.52
N TYR A 309 -20.94 38.05 6.06
CA TYR A 309 -19.80 38.83 5.59
C TYR A 309 -18.93 38.07 4.55
N SER A 310 -19.49 37.05 3.91
CA SER A 310 -18.79 36.23 2.92
C SER A 310 -18.07 37.02 1.84
N ARG A 311 -18.79 37.86 1.12
CA ARG A 311 -18.22 38.54 -0.01
C ARG A 311 -17.06 39.48 0.39
N HIS A 312 -17.20 40.14 1.53
CA HIS A 312 -16.11 40.97 2.07
C HIS A 312 -14.89 40.15 2.46
N LEU A 313 -15.12 39.05 3.15
CA LEU A 313 -14.04 38.20 3.64
C LEU A 313 -13.31 37.46 2.55
N ALA A 314 -13.92 37.37 1.38
CA ALA A 314 -13.27 36.78 0.22
C ALA A 314 -12.69 37.88 -0.66
N LEU A 315 -12.80 39.13 -0.18
CA LEU A 315 -12.39 40.36 -0.91
C LEU A 315 -12.77 40.41 -2.36
N ARG A 316 -14.02 40.07 -2.67
CA ARG A 316 -14.48 40.04 -4.05
C ARG A 316 -15.36 41.23 -4.29
N PRO A 317 -15.51 41.65 -5.55
CA PRO A 317 -16.35 42.82 -5.78
C PRO A 317 -17.81 42.52 -5.48
N PRO A 318 -18.63 43.56 -5.32
CA PRO A 318 -20.07 43.37 -5.03
C PRO A 318 -20.76 42.65 -6.17
N GLY A 319 -22.00 42.21 -5.96
CA GLY A 319 -22.76 41.41 -6.95
C GLY A 319 -22.09 40.12 -7.46
N SER A 320 -20.96 39.76 -6.88
CA SER A 320 -20.19 38.63 -7.35
C SER A 320 -20.94 37.31 -7.22
N THR A 321 -20.82 36.46 -8.26
CA THR A 321 -21.35 35.11 -8.24
C THR A 321 -20.52 34.25 -7.27
N PRO A 322 -21.19 33.45 -6.42
CA PRO A 322 -20.47 32.58 -5.52
C PRO A 322 -19.93 31.32 -6.21
N TYR A 323 -18.75 30.87 -5.79
CA TYR A 323 -18.27 29.58 -6.18
C TYR A 323 -19.18 28.53 -5.55
N THR A 324 -19.43 27.44 -6.27
CA THR A 324 -20.19 26.29 -5.77
C THR A 324 -19.53 25.00 -6.24
N LEU A 325 -20.11 23.88 -5.82
CA LEU A 325 -19.67 22.55 -6.24
C LEU A 325 -19.44 22.45 -7.74
N LEU A 326 -20.36 23.06 -8.47
CA LEU A 326 -20.25 23.11 -9.92
C LEU A 326 -18.87 23.52 -10.36
N ASP A 327 -18.26 24.48 -9.65
CA ASP A 327 -16.94 24.96 -10.01
C ASP A 327 -15.85 23.95 -9.63
N TYR A 328 -16.21 23.02 -8.74
CA TYR A 328 -15.27 22.00 -8.28
C TYR A 328 -15.15 20.85 -9.29
N PHE A 329 -16.10 20.79 -10.22
CA PHE A 329 -16.02 19.84 -11.31
C PHE A 329 -15.08 20.37 -12.36
N PRO A 330 -14.54 19.48 -13.21
CA PRO A 330 -13.80 19.97 -14.35
C PRO A 330 -14.78 20.53 -15.36
N ASP A 331 -14.25 21.34 -16.28
CA ASP A 331 -15.08 22.07 -17.24
C ASP A 331 -15.94 21.19 -18.13
N ASP A 332 -15.46 20.00 -18.47
CA ASP A 332 -16.22 19.12 -19.37
C ASP A 332 -17.04 18.07 -18.62
N PHE A 333 -17.37 18.32 -17.37
CA PHE A 333 -18.28 17.45 -16.61
C PHE A 333 -19.67 17.25 -17.25
N LEU A 334 -20.49 16.42 -16.63
CA LEU A 334 -21.85 16.18 -17.08
C LEU A 334 -22.81 16.28 -15.91
N ILE A 335 -24.05 16.71 -16.18
CA ILE A 335 -25.07 16.82 -15.14
C ILE A 335 -26.28 16.02 -15.52
N ILE A 336 -26.76 15.17 -14.61
CA ILE A 336 -28.02 14.45 -14.77
C ILE A 336 -28.99 15.05 -13.75
N VAL A 337 -30.24 15.28 -14.14
CA VAL A 337 -31.24 15.92 -13.28
C VAL A 337 -32.38 14.95 -13.09
N ASP A 338 -32.33 14.18 -12.01
CA ASP A 338 -33.34 13.17 -11.75
C ASP A 338 -34.64 13.89 -11.43
N GLU A 339 -35.75 13.41 -11.97
CA GLU A 339 -37.10 13.97 -11.75
C GLU A 339 -37.18 15.49 -12.00
N SER A 340 -36.64 15.89 -13.16
CA SER A 340 -36.42 17.29 -13.55
C SER A 340 -37.64 18.19 -13.41
N HIS A 341 -38.81 17.64 -13.66
CA HIS A 341 -40.04 18.41 -13.51
C HIS A 341 -40.30 19.00 -12.11
N VAL A 342 -39.54 18.55 -11.12
CA VAL A 342 -39.67 19.07 -9.78
C VAL A 342 -38.36 19.68 -9.33
N THR A 343 -37.28 18.93 -9.51
CA THR A 343 -35.96 19.37 -9.13
C THR A 343 -35.61 20.74 -9.71
N LEU A 344 -35.94 21.00 -10.96
CA LEU A 344 -35.60 22.31 -11.59
C LEU A 344 -36.40 23.51 -11.02
N PRO A 345 -37.74 23.36 -10.83
CA PRO A 345 -38.45 24.41 -10.12
C PRO A 345 -37.88 24.65 -8.72
N GLN A 346 -37.64 23.56 -7.99
CA GLN A 346 -37.04 23.64 -6.66
C GLN A 346 -35.72 24.37 -6.78
N LEU A 347 -34.90 23.98 -7.74
CA LEU A 347 -33.63 24.67 -7.99
C LEU A 347 -33.83 26.17 -8.23
N ARG A 348 -34.71 26.53 -9.16
CA ARG A 348 -35.03 27.94 -9.49
C ARG A 348 -35.47 28.71 -8.24
N GLY A 349 -36.31 28.06 -7.45
CA GLY A 349 -36.85 28.64 -6.25
C GLY A 349 -35.89 28.96 -5.12
N MET A 350 -34.78 28.23 -5.04
CA MET A 350 -33.87 28.37 -3.89
C MET A 350 -33.42 29.83 -3.68
N TYR A 351 -32.98 30.45 -4.76
CA TYR A 351 -32.53 31.83 -4.71
C TYR A 351 -33.62 32.78 -4.31
N ASN A 352 -34.79 32.62 -4.87
CA ASN A 352 -35.88 33.52 -4.58
C ASN A 352 -36.23 33.63 -3.10
N GLY A 353 -36.32 32.50 -2.43
CA GLY A 353 -36.58 32.46 -1.00
C GLY A 353 -35.44 33.12 -0.27
N ASP A 354 -34.22 32.68 -0.53
CA ASP A 354 -33.07 33.27 0.11
C ASP A 354 -33.00 34.79 -0.09
N ARG A 355 -33.31 35.29 -1.28
CA ARG A 355 -33.21 36.73 -1.53
C ARG A 355 -34.36 37.48 -0.86
N ALA A 356 -35.56 36.93 -0.91
CA ALA A 356 -36.70 37.57 -0.28
C ALA A 356 -36.40 37.80 1.21
N ARG A 357 -35.98 36.73 1.87
CA ARG A 357 -35.64 36.73 3.27
C ARG A 357 -34.57 37.77 3.59
N LYS A 358 -33.44 37.75 2.89
CA LYS A 358 -32.36 38.70 3.16
C LYS A 358 -32.70 40.16 2.84
N GLN A 359 -33.46 40.40 1.79
CA GLN A 359 -33.83 41.77 1.42
C GLN A 359 -34.56 42.45 2.56
N VAL A 360 -35.39 41.69 3.26
CA VAL A 360 -36.08 42.20 4.43
C VAL A 360 -35.09 42.52 5.55
N LEU A 361 -34.36 41.51 6.01
CA LEU A 361 -33.36 41.74 7.06
C LEU A 361 -32.55 43.00 6.75
N VAL A 362 -32.19 43.20 5.49
CA VAL A 362 -31.42 44.39 5.13
C VAL A 362 -32.30 45.64 5.27
N ASP A 363 -33.49 45.57 4.70
CA ASP A 363 -34.36 46.72 4.71
C ASP A 363 -34.62 47.18 6.13
N HIS A 364 -34.76 46.24 7.07
CA HIS A 364 -35.08 46.58 8.46
C HIS A 364 -33.91 46.67 9.38
N GLY A 365 -32.72 46.79 8.81
CA GLY A 365 -31.54 47.13 9.59
C GLY A 365 -30.81 45.99 10.26
N PHE A 366 -31.29 44.75 10.08
CA PHE A 366 -30.66 43.54 10.66
C PHE A 366 -29.31 43.12 10.02
N ARG A 367 -29.15 43.34 8.72
CA ARG A 367 -27.91 43.02 8.06
C ARG A 367 -27.56 44.07 7.03
N LEU A 368 -26.31 44.01 6.58
CA LEU A 368 -25.82 44.89 5.54
C LEU A 368 -26.23 44.38 4.15
N PRO A 369 -26.27 45.27 3.16
CA PRO A 369 -26.51 44.93 1.77
C PRO A 369 -25.59 43.85 1.24
N SER A 370 -24.32 43.89 1.64
CA SER A 370 -23.38 42.81 1.32
C SER A 370 -23.81 41.40 1.82
N ALA A 371 -24.75 41.34 2.74
CA ALA A 371 -25.37 40.06 3.07
C ALA A 371 -25.97 39.39 1.85
N LEU A 372 -26.54 40.18 0.95
CA LEU A 372 -27.27 39.62 -0.19
C LEU A 372 -26.38 38.90 -1.15
N ASP A 373 -25.09 39.24 -1.18
CA ASP A 373 -24.12 38.52 -2.00
C ASP A 373 -23.71 37.20 -1.41
N ASN A 374 -24.26 36.82 -0.26
CA ASN A 374 -24.06 35.49 0.31
C ASN A 374 -25.28 34.67 0.02
N ARG A 375 -25.24 33.88 -1.06
CA ARG A 375 -26.46 33.34 -1.67
C ARG A 375 -26.24 32.09 -2.49
N PRO A 376 -27.33 31.39 -2.83
CA PRO A 376 -27.16 30.37 -3.84
C PRO A 376 -27.13 31.02 -5.22
N LEU A 377 -26.91 30.19 -6.25
CA LEU A 377 -26.96 30.64 -7.63
C LEU A 377 -28.37 31.00 -8.04
N THR A 378 -28.44 31.95 -8.96
CA THR A 378 -29.68 32.14 -9.71
C THR A 378 -29.75 31.04 -10.75
N PHE A 379 -30.95 30.75 -11.22
CA PHE A 379 -31.12 29.75 -12.25
C PHE A 379 -30.31 30.17 -13.47
N GLU A 380 -30.27 31.46 -13.75
CA GLU A 380 -29.60 31.96 -14.95
C GLU A 380 -28.11 31.61 -14.85
N GLU A 381 -27.57 31.68 -13.64
CA GLU A 381 -26.15 31.37 -13.44
C GLU A 381 -25.94 29.88 -13.46
N PHE A 382 -26.90 29.14 -12.93
CA PHE A 382 -26.84 27.70 -13.04
C PHE A 382 -26.70 27.32 -14.50
N GLU A 383 -27.54 27.89 -15.38
CA GLU A 383 -27.47 27.66 -16.85
C GLU A 383 -26.09 27.85 -17.46
N GLN A 384 -25.43 28.97 -17.11
CA GLN A 384 -24.09 29.25 -17.67
C GLN A 384 -23.05 28.28 -17.16
N LYS A 385 -23.22 27.74 -15.96
CA LYS A 385 -22.25 26.80 -15.40
C LYS A 385 -22.38 25.40 -16.03
N ILE A 386 -23.52 25.13 -16.65
CA ILE A 386 -23.73 23.88 -17.35
C ILE A 386 -22.71 23.66 -18.44
N ASN A 387 -22.33 22.40 -18.65
CA ASN A 387 -21.51 22.02 -19.79
C ASN A 387 -22.36 21.26 -20.71
N GLN A 388 -22.87 20.13 -20.23
CA GLN A 388 -23.91 19.42 -20.92
C GLN A 388 -24.79 18.80 -19.85
N ILE A 389 -25.99 18.44 -20.23
CA ILE A 389 -26.98 18.04 -19.26
C ILE A 389 -28.05 17.17 -19.88
N ILE A 390 -28.55 16.23 -19.07
CA ILE A 390 -29.60 15.32 -19.46
C ILE A 390 -30.66 15.34 -18.36
N TYR A 391 -31.85 15.85 -18.70
CA TYR A 391 -32.99 15.87 -17.77
C TYR A 391 -33.68 14.52 -17.84
N VAL A 392 -33.81 13.82 -16.73
CA VAL A 392 -34.46 12.54 -16.69
C VAL A 392 -35.76 12.76 -15.99
N SER A 393 -36.84 12.17 -16.51
CA SER A 393 -38.18 12.28 -15.91
C SER A 393 -39.20 11.47 -16.68
N ALA A 394 -40.21 10.94 -16.00
CA ALA A 394 -41.32 10.24 -16.68
C ALA A 394 -42.33 11.24 -17.29
N THR A 395 -42.28 12.50 -16.82
CA THR A 395 -43.19 13.57 -17.22
C THR A 395 -42.47 14.92 -17.27
N PRO A 396 -41.51 15.08 -18.19
CA PRO A 396 -40.70 16.29 -18.36
C PRO A 396 -41.54 17.55 -18.40
N GLY A 397 -41.10 18.56 -17.66
CA GLY A 397 -41.74 19.89 -17.66
C GLY A 397 -41.38 20.74 -18.87
N PRO A 398 -41.92 21.96 -18.96
CA PRO A 398 -41.68 22.89 -20.07
C PRO A 398 -40.20 23.16 -20.37
N TYR A 399 -39.45 23.67 -19.39
CA TYR A 399 -38.05 24.06 -19.61
C TYR A 399 -37.25 22.99 -20.35
N GLU A 400 -37.38 21.75 -19.86
CA GLU A 400 -36.70 20.59 -20.41
C GLU A 400 -37.07 20.48 -21.92
N LEU A 401 -38.36 20.34 -22.18
CA LEU A 401 -38.90 20.16 -23.53
C LEU A 401 -38.46 21.28 -24.48
N GLU A 402 -38.62 22.51 -24.02
CA GLU A 402 -38.27 23.69 -24.77
C GLU A 402 -36.78 23.79 -25.12
N HIS A 403 -35.90 23.14 -24.35
CA HIS A 403 -34.44 23.29 -24.56
C HIS A 403 -33.80 22.02 -25.13
N SER A 404 -34.61 21.00 -25.37
CA SER A 404 -34.12 19.71 -25.81
C SER A 404 -34.60 19.40 -27.23
N PRO A 405 -33.68 18.98 -28.14
CA PRO A 405 -34.00 18.59 -29.52
C PRO A 405 -35.31 17.88 -29.64
N GLY A 406 -35.44 16.75 -29.00
CA GLY A 406 -36.74 16.14 -28.93
C GLY A 406 -36.79 15.56 -27.57
N VAL A 407 -37.24 14.31 -27.47
CA VAL A 407 -37.02 13.54 -26.28
C VAL A 407 -36.46 12.18 -26.69
N VAL A 408 -35.59 11.62 -25.87
CA VAL A 408 -35.27 10.23 -25.99
C VAL A 408 -36.27 9.47 -25.11
N GLU A 409 -37.09 8.66 -25.77
CA GLU A 409 -38.17 8.01 -25.12
C GLU A 409 -37.72 6.61 -24.73
N GLN A 410 -38.31 6.11 -23.65
CA GLN A 410 -37.96 4.82 -23.09
C GLN A 410 -39.16 4.34 -22.32
N ILE A 411 -40.10 3.74 -23.04
CA ILE A 411 -41.36 3.31 -22.44
C ILE A 411 -41.48 1.83 -22.26
N ILE A 412 -40.66 1.06 -22.96
CA ILE A 412 -40.69 -0.40 -22.80
C ILE A 412 -39.82 -0.85 -21.62
N ARG A 413 -40.48 -1.50 -20.66
CA ARG A 413 -39.81 -2.00 -19.49
C ARG A 413 -39.18 -3.33 -19.79
N PRO A 414 -37.98 -3.59 -19.27
CA PRO A 414 -37.36 -4.91 -19.46
C PRO A 414 -38.14 -6.12 -18.88
N THR A 415 -38.82 -5.95 -17.77
CA THR A 415 -39.68 -7.04 -17.23
C THR A 415 -40.90 -7.34 -18.12
N GLY A 416 -41.15 -6.45 -19.07
CA GLY A 416 -42.28 -6.56 -20.00
C GLY A 416 -43.62 -6.16 -19.44
N LEU A 417 -43.63 -5.16 -18.56
CA LEU A 417 -44.84 -4.80 -17.82
C LEU A 417 -45.55 -3.67 -18.51
N LEU A 418 -46.84 -3.61 -18.18
CA LEU A 418 -47.81 -2.79 -18.89
C LEU A 418 -48.30 -1.68 -18.01
N ASP A 419 -48.42 -0.49 -18.59
CA ASP A 419 -49.10 0.60 -17.92
C ASP A 419 -50.51 0.17 -17.63
N PRO A 420 -51.01 0.53 -16.48
CA PRO A 420 -52.28 -0.05 -16.06
C PRO A 420 -53.45 0.43 -16.92
N THR A 421 -54.56 -0.29 -16.83
CA THR A 421 -55.81 0.13 -17.43
C THR A 421 -56.42 1.19 -16.53
N ILE A 422 -57.25 2.05 -17.11
CA ILE A 422 -57.90 3.13 -16.36
C ILE A 422 -59.44 3.17 -16.51
N ASP A 423 -60.14 3.06 -15.40
CA ASP A 423 -61.60 3.27 -15.38
C ASP A 423 -61.90 4.67 -14.81
N VAL A 424 -62.95 5.31 -15.30
CA VAL A 424 -63.48 6.54 -14.70
C VAL A 424 -64.89 6.24 -14.20
N ARG A 425 -65.21 6.67 -12.99
CA ARG A 425 -66.49 6.31 -12.38
C ARG A 425 -67.11 7.48 -11.61
N PRO A 426 -68.44 7.49 -11.47
CA PRO A 426 -69.02 8.66 -10.81
C PRO A 426 -68.67 8.73 -9.32
N THR A 427 -68.75 9.94 -8.78
CA THR A 427 -68.58 10.18 -7.36
C THR A 427 -69.75 9.67 -6.53
N LYS A 428 -70.88 9.38 -7.14
CA LYS A 428 -72.01 8.81 -6.42
C LYS A 428 -71.61 7.43 -5.94
N GLY A 429 -71.86 7.14 -4.66
CA GLY A 429 -71.53 5.85 -4.02
C GLY A 429 -70.07 5.42 -4.17
N GLN A 430 -69.18 6.40 -4.33
CA GLN A 430 -67.81 6.10 -4.72
C GLN A 430 -67.06 5.27 -3.68
N ILE A 431 -67.15 5.64 -2.42
CA ILE A 431 -66.36 4.97 -1.40
C ILE A 431 -66.84 3.54 -1.14
N ASP A 432 -68.10 3.26 -1.40
CA ASP A 432 -68.60 1.87 -1.36
C ASP A 432 -68.06 1.06 -2.52
N ASP A 433 -68.06 1.68 -3.69
CA ASP A 433 -67.45 1.09 -4.87
C ASP A 433 -66.01 0.66 -4.55
N LEU A 434 -65.25 1.59 -3.99
CA LEU A 434 -63.88 1.38 -3.58
C LEU A 434 -63.74 0.27 -2.55
N ILE A 435 -64.51 0.34 -1.48
CA ILE A 435 -64.48 -0.71 -0.46
C ILE A 435 -64.63 -2.11 -1.05
N GLY A 436 -65.59 -2.26 -1.96
CA GLY A 436 -65.79 -3.55 -2.60
C GLY A 436 -64.58 -3.90 -3.43
N GLU A 437 -64.12 -2.91 -4.18
CA GLU A 437 -63.04 -3.10 -5.13
C GLU A 437 -61.76 -3.48 -4.37
N ILE A 438 -61.61 -2.97 -3.16
CA ILE A 438 -60.46 -3.24 -2.31
C ILE A 438 -60.52 -4.66 -1.81
N ARG A 439 -61.69 -5.06 -1.33
CA ARG A 439 -61.90 -6.42 -0.83
C ARG A 439 -61.56 -7.49 -1.87
N GLU A 440 -61.86 -7.22 -3.13
CA GLU A 440 -61.49 -8.14 -4.19
C GLU A 440 -59.95 -8.29 -4.19
N ARG A 441 -59.23 -7.17 -4.10
CA ARG A 441 -57.75 -7.13 -4.09
C ARG A 441 -57.15 -7.82 -2.87
N VAL A 442 -57.79 -7.63 -1.72
CA VAL A 442 -57.37 -8.34 -0.52
C VAL A 442 -57.41 -9.84 -0.76
N GLU A 443 -58.44 -10.31 -1.42
CA GLU A 443 -58.64 -11.74 -1.61
C GLU A 443 -57.54 -12.35 -2.49
N ARG A 444 -56.98 -11.55 -3.39
CA ARG A 444 -55.91 -12.01 -4.29
C ARG A 444 -54.53 -11.54 -3.82
N ASN A 445 -54.41 -11.34 -2.51
CA ASN A 445 -53.19 -10.87 -1.90
C ASN A 445 -52.54 -9.67 -2.58
N GLU A 446 -53.39 -8.74 -3.03
CA GLU A 446 -52.92 -7.52 -3.67
C GLU A 446 -53.23 -6.29 -2.80
N ARG A 447 -52.53 -5.21 -3.08
CA ARG A 447 -52.62 -3.99 -2.27
C ARG A 447 -53.21 -2.87 -3.09
N THR A 448 -53.65 -1.84 -2.38
CA THR A 448 -54.38 -0.73 -2.96
C THR A 448 -53.85 0.59 -2.46
N LEU A 449 -53.64 1.52 -3.36
CA LEU A 449 -53.26 2.86 -2.97
C LEU A 449 -54.42 3.77 -3.25
N VAL A 450 -54.72 4.69 -2.34
CA VAL A 450 -55.76 5.68 -2.55
C VAL A 450 -55.13 7.05 -2.39
N THR A 451 -55.52 8.03 -3.19
CA THR A 451 -55.12 9.41 -2.91
C THR A 451 -56.33 10.34 -2.68
N THR A 452 -56.16 11.30 -1.79
CA THR A 452 -57.18 12.28 -1.51
C THR A 452 -56.50 13.62 -1.57
N LEU A 453 -57.27 14.70 -1.38
CA LEU A 453 -56.78 16.06 -1.60
C LEU A 453 -56.23 16.74 -0.35
N THR A 454 -56.59 16.23 0.84
CA THR A 454 -56.19 16.86 2.11
C THR A 454 -55.82 15.86 3.20
N LYS A 455 -54.95 16.30 4.10
CA LYS A 455 -54.53 15.45 5.21
C LYS A 455 -55.71 14.93 6.03
N LYS A 456 -56.72 15.78 6.27
CA LYS A 456 -57.84 15.36 7.11
C LYS A 456 -58.74 14.41 6.36
N MET A 457 -58.93 14.64 5.07
CA MET A 457 -59.71 13.70 4.28
C MET A 457 -59.06 12.31 4.27
N ALA A 458 -57.74 12.26 4.22
CA ALA A 458 -57.01 11.00 4.27
C ALA A 458 -57.18 10.28 5.60
N GLU A 459 -57.15 11.03 6.70
CA GLU A 459 -57.34 10.46 8.04
C GLU A 459 -58.77 9.99 8.25
N ASP A 460 -59.73 10.77 7.76
CA ASP A 460 -61.14 10.43 7.90
C ASP A 460 -61.46 9.17 7.13
N LEU A 461 -61.02 9.16 5.88
CA LEU A 461 -61.18 8.02 5.00
C LEU A 461 -60.52 6.81 5.61
N THR A 462 -59.31 6.99 6.13
CA THR A 462 -58.56 5.93 6.82
C THR A 462 -59.36 5.36 8.00
N ASP A 463 -60.01 6.24 8.75
CA ASP A 463 -60.86 5.83 9.88
C ASP A 463 -62.13 5.12 9.41
N TYR A 464 -62.73 5.62 8.33
CA TYR A 464 -63.90 4.96 7.76
C TYR A 464 -63.55 3.67 7.01
N LEU A 465 -62.29 3.50 6.63
CA LEU A 465 -61.85 2.25 6.02
C LEU A 465 -61.62 1.21 7.10
N LYS A 466 -60.94 1.59 8.17
CA LYS A 466 -60.78 0.70 9.31
C LYS A 466 -62.14 0.21 9.74
N GLU A 467 -63.09 1.15 9.84
CA GLU A 467 -64.52 0.88 10.14
C GLU A 467 -65.12 -0.30 9.38
N ALA A 468 -64.79 -0.43 8.10
CA ALA A 468 -65.32 -1.49 7.23
C ALA A 468 -64.52 -2.79 7.27
N GLY A 469 -63.60 -2.92 8.22
CA GLY A 469 -62.88 -4.17 8.44
C GLY A 469 -61.54 -4.21 7.75
N ILE A 470 -61.31 -3.28 6.85
CA ILE A 470 -60.10 -3.25 6.04
C ILE A 470 -58.90 -2.84 6.87
N LYS A 471 -57.73 -3.31 6.45
CA LYS A 471 -56.48 -2.98 7.13
C LYS A 471 -55.69 -1.89 6.40
N VAL A 472 -55.53 -0.75 7.07
CA VAL A 472 -55.06 0.48 6.38
C VAL A 472 -54.26 1.40 7.28
N ALA A 473 -53.41 2.19 6.65
CA ALA A 473 -52.76 3.28 7.34
C ALA A 473 -52.69 4.45 6.39
N TYR A 474 -52.49 5.63 6.94
CA TYR A 474 -52.42 6.85 6.12
C TYR A 474 -50.95 7.23 5.98
N LEU A 475 -50.65 8.20 5.13
CA LEU A 475 -49.29 8.59 4.86
C LEU A 475 -49.17 10.00 4.25
N HIS A 476 -48.78 10.95 5.10
CA HIS A 476 -48.55 12.32 4.64
C HIS A 476 -47.43 12.95 5.45
N SER A 477 -47.13 14.21 5.16
CA SER A 477 -45.94 14.90 5.64
C SER A 477 -45.76 15.04 7.15
N GLU A 478 -46.85 14.95 7.92
CA GLU A 478 -46.77 14.93 9.40
C GLU A 478 -45.96 13.73 9.89
N ILE A 479 -46.01 12.63 9.14
CA ILE A 479 -45.28 11.43 9.49
C ILE A 479 -43.80 11.57 9.16
N LYS A 480 -42.98 11.18 10.12
CA LYS A 480 -41.55 11.32 10.01
C LYS A 480 -40.95 10.31 9.05
N THR A 481 -39.87 10.72 8.37
CA THR A 481 -39.28 9.93 7.26
C THR A 481 -38.92 8.51 7.71
N LEU A 482 -38.53 8.34 8.97
CA LEU A 482 -38.18 7.02 9.48
C LEU A 482 -39.40 6.12 9.58
N GLU A 483 -40.49 6.67 10.11
CA GLU A 483 -41.73 5.94 10.24
C GLU A 483 -42.37 5.58 8.88
N ARG A 484 -42.17 6.43 7.88
CA ARG A 484 -42.71 6.17 6.55
C ARG A 484 -42.18 4.88 5.98
N ILE A 485 -40.88 4.70 6.07
CA ILE A 485 -40.24 3.50 5.52
C ILE A 485 -40.88 2.25 6.15
N GLU A 486 -41.22 2.35 7.43
CA GLU A 486 -41.89 1.26 8.13
C GLU A 486 -43.28 1.04 7.57
N ILE A 487 -44.04 2.11 7.48
CA ILE A 487 -45.40 2.06 6.99
C ILE A 487 -45.42 1.34 5.65
N ILE A 488 -44.61 1.83 4.73
CA ILE A 488 -44.43 1.15 3.45
C ILE A 488 -43.93 -0.30 3.55
N ARG A 489 -42.92 -0.54 4.39
CA ARG A 489 -42.46 -1.90 4.63
C ARG A 489 -43.63 -2.80 5.09
N ASP A 490 -44.45 -2.26 5.96
CA ASP A 490 -45.63 -2.98 6.48
C ASP A 490 -46.68 -3.22 5.41
N LEU A 491 -46.82 -2.27 4.47
CA LEU A 491 -47.73 -2.47 3.35
C LEU A 491 -47.26 -3.62 2.50
N ARG A 492 -46.00 -3.58 2.10
CA ARG A 492 -45.45 -4.66 1.24
C ARG A 492 -45.56 -6.00 1.96
N LEU A 493 -45.16 -6.02 3.21
CA LEU A 493 -45.31 -7.20 4.03
C LEU A 493 -46.73 -7.68 4.11
N GLY A 494 -47.70 -6.78 4.24
CA GLY A 494 -49.13 -7.15 4.33
C GLY A 494 -49.80 -6.94 5.68
N LYS A 495 -49.11 -6.24 6.58
CA LYS A 495 -49.73 -5.78 7.80
C LYS A 495 -50.90 -4.91 7.39
N TYR A 496 -50.68 -4.07 6.40
CA TYR A 496 -51.72 -3.27 5.78
C TYR A 496 -51.99 -3.76 4.37
N ASP A 497 -53.24 -3.60 3.93
CA ASP A 497 -53.69 -3.95 2.58
C ASP A 497 -53.95 -2.70 1.74
N VAL A 498 -54.05 -1.56 2.41
CA VAL A 498 -54.35 -0.32 1.75
C VAL A 498 -53.53 0.76 2.40
N LEU A 499 -53.21 1.78 1.63
CA LEU A 499 -52.47 2.92 2.09
C LEU A 499 -53.16 4.15 1.51
N VAL A 500 -53.50 5.12 2.35
CA VAL A 500 -54.13 6.31 1.87
C VAL A 500 -53.16 7.45 2.01
N GLY A 501 -52.95 8.16 0.91
CA GLY A 501 -52.00 9.26 0.90
C GLY A 501 -52.59 10.45 0.21
N ILE A 502 -51.77 11.46 0.00
CA ILE A 502 -52.17 12.65 -0.74
C ILE A 502 -51.20 12.90 -1.87
N ASN A 503 -49.94 13.15 -1.52
CA ASN A 503 -48.96 13.49 -2.53
C ASN A 503 -47.58 12.83 -2.34
N LEU A 504 -47.50 11.82 -1.48
CA LEU A 504 -46.28 11.04 -1.32
C LEU A 504 -46.37 9.72 -2.04
N LEU A 505 -47.49 9.47 -2.72
CA LEU A 505 -47.68 8.23 -3.47
C LEU A 505 -47.41 8.43 -4.95
N ARG A 506 -46.25 9.00 -5.23
CA ARG A 506 -45.85 9.26 -6.57
C ARG A 506 -44.38 8.94 -6.89
N GLU A 507 -43.52 9.95 -7.02
CA GLU A 507 -42.33 9.69 -7.81
C GLU A 507 -41.33 9.00 -6.94
N GLY A 508 -40.92 7.83 -7.38
CA GLY A 508 -39.88 7.09 -6.71
C GLY A 508 -40.40 5.86 -6.03
N LEU A 509 -41.72 5.72 -5.93
CA LEU A 509 -42.34 4.68 -5.09
C LEU A 509 -42.51 3.31 -5.75
N ASP A 510 -41.56 2.41 -5.44
CA ASP A 510 -41.58 1.01 -5.91
C ASP A 510 -42.41 0.15 -4.99
N ILE A 511 -43.60 -0.28 -5.41
CA ILE A 511 -44.34 -1.31 -4.65
C ILE A 511 -45.06 -2.21 -5.61
N PRO A 512 -44.45 -3.36 -5.90
CA PRO A 512 -45.07 -4.24 -6.87
C PRO A 512 -46.25 -5.04 -6.32
N GLU A 513 -46.45 -5.00 -5.01
CA GLU A 513 -47.63 -5.62 -4.41
C GLU A 513 -48.94 -4.84 -4.69
N VAL A 514 -48.79 -3.64 -5.23
CA VAL A 514 -49.90 -2.78 -5.54
C VAL A 514 -50.42 -3.12 -6.89
N SER A 515 -51.67 -3.59 -6.92
CA SER A 515 -52.39 -3.88 -8.15
C SER A 515 -53.46 -2.85 -8.52
N LEU A 516 -53.66 -1.85 -7.65
CA LEU A 516 -54.75 -0.87 -7.80
C LEU A 516 -54.41 0.46 -7.15
N VAL A 517 -54.71 1.52 -7.89
CA VAL A 517 -54.47 2.88 -7.47
C VAL A 517 -55.72 3.69 -7.77
N ALA A 518 -56.35 4.26 -6.73
CA ALA A 518 -57.63 4.97 -6.86
C ALA A 518 -57.48 6.44 -6.56
N ILE A 519 -57.64 7.27 -7.59
CA ILE A 519 -57.51 8.71 -7.50
C ILE A 519 -58.85 9.44 -7.32
N LEU A 520 -59.25 9.65 -6.07
CA LEU A 520 -60.51 10.35 -5.75
C LEU A 520 -60.48 11.79 -6.24
N ASP A 521 -61.66 12.37 -6.45
CA ASP A 521 -61.76 13.76 -6.89
C ASP A 521 -60.74 14.06 -7.95
N ALA A 522 -60.78 13.28 -9.02
CA ALA A 522 -59.78 13.42 -10.06
C ALA A 522 -60.00 14.70 -10.84
N ASP A 523 -61.27 15.12 -10.87
CA ASP A 523 -61.71 16.28 -11.65
C ASP A 523 -61.44 17.59 -10.92
N LYS A 524 -61.35 17.56 -9.59
CA LYS A 524 -60.92 18.72 -8.82
C LYS A 524 -59.58 19.13 -9.38
N GLU A 525 -59.56 20.20 -10.16
CA GLU A 525 -58.36 20.60 -10.86
C GLU A 525 -57.45 21.20 -9.82
N GLY A 526 -56.17 21.28 -10.13
CA GLY A 526 -55.19 21.80 -9.18
C GLY A 526 -53.92 20.98 -9.23
N PHE A 527 -52.92 21.40 -8.47
CA PHE A 527 -51.60 20.74 -8.52
C PHE A 527 -51.67 19.26 -8.16
N LEU A 528 -52.60 18.85 -7.30
CA LEU A 528 -52.74 17.44 -7.01
C LEU A 528 -53.41 16.65 -8.13
N ARG A 529 -53.90 17.32 -9.16
CA ARG A 529 -54.58 16.62 -10.26
C ARG A 529 -54.17 17.23 -11.59
N SER A 530 -52.92 17.66 -11.70
CA SER A 530 -52.42 18.13 -12.97
C SER A 530 -52.14 16.97 -13.98
N GLU A 531 -51.82 17.35 -15.21
CA GLU A 531 -51.40 16.37 -16.19
C GLU A 531 -50.37 15.48 -15.49
N ARG A 532 -49.27 16.10 -15.09
CA ARG A 532 -48.08 15.43 -14.57
C ARG A 532 -48.31 14.64 -13.29
N SER A 533 -49.02 15.24 -12.34
CA SER A 533 -49.32 14.57 -11.10
C SER A 533 -50.15 13.31 -11.32
N LEU A 534 -51.16 13.42 -12.18
CA LEU A 534 -51.99 12.26 -12.48
C LEU A 534 -51.19 11.14 -13.11
N ILE A 535 -50.39 11.47 -14.12
CA ILE A 535 -49.52 10.48 -14.73
C ILE A 535 -48.63 9.77 -13.70
N GLN A 536 -48.09 10.50 -12.75
CA GLN A 536 -47.11 9.96 -11.80
C GLN A 536 -47.77 9.04 -10.79
N THR A 537 -48.95 9.39 -10.35
CA THR A 537 -49.71 8.53 -9.47
C THR A 537 -50.20 7.26 -10.16
N ILE A 538 -50.41 7.35 -11.48
CA ILE A 538 -50.86 6.18 -12.25
C ILE A 538 -49.77 5.13 -12.30
N GLY A 539 -48.53 5.60 -12.39
CA GLY A 539 -47.32 4.77 -12.42
C GLY A 539 -47.17 3.80 -11.26
N ARG A 540 -47.81 4.07 -10.14
CA ARG A 540 -47.69 3.18 -9.00
C ARG A 540 -48.24 1.80 -9.26
N ALA A 541 -49.15 1.71 -10.22
CA ALA A 541 -49.77 0.44 -10.61
C ALA A 541 -49.11 -0.19 -11.80
N ALA A 542 -47.98 0.34 -12.21
CA ALA A 542 -47.32 -0.15 -13.40
C ALA A 542 -46.43 -1.33 -13.13
N ARG A 543 -46.15 -1.62 -11.86
CA ARG A 543 -45.25 -2.70 -11.50
C ARG A 543 -45.98 -4.00 -11.19
N ASN A 544 -47.21 -4.12 -11.70
CA ASN A 544 -48.01 -5.31 -11.46
C ASN A 544 -48.72 -5.73 -12.73
N ALA A 545 -48.84 -7.05 -12.90
CA ALA A 545 -49.50 -7.64 -14.07
C ALA A 545 -50.98 -7.27 -14.16
N ASN A 546 -51.64 -7.20 -13.01
CA ASN A 546 -53.06 -6.80 -12.93
C ASN A 546 -53.22 -5.37 -12.50
N GLY A 547 -52.34 -4.52 -13.00
CA GLY A 547 -52.27 -3.13 -12.55
C GLY A 547 -53.41 -2.33 -13.12
N HIS A 548 -54.15 -1.65 -12.26
CA HIS A 548 -55.39 -0.98 -12.64
C HIS A 548 -55.54 0.35 -11.91
N VAL A 549 -56.16 1.32 -12.58
CA VAL A 549 -56.36 2.66 -12.00
C VAL A 549 -57.79 3.14 -12.12
N ILE A 550 -58.37 3.56 -11.00
CA ILE A 550 -59.74 4.09 -10.95
C ILE A 550 -59.75 5.55 -10.57
N MET A 551 -60.06 6.41 -11.54
CA MET A 551 -60.26 7.83 -11.29
C MET A 551 -61.74 8.07 -11.00
N TYR A 552 -62.08 8.44 -9.77
CA TYR A 552 -63.46 8.76 -9.37
C TYR A 552 -63.77 10.23 -9.65
N ALA A 553 -64.51 10.48 -10.72
CA ALA A 553 -64.94 11.82 -11.08
C ALA A 553 -66.25 11.80 -11.84
N ASP A 554 -66.87 12.98 -11.93
CA ASP A 554 -68.10 13.19 -12.68
C ASP A 554 -67.85 13.88 -14.01
N THR A 555 -66.68 14.45 -14.18
CA THR A 555 -66.29 15.00 -15.46
C THR A 555 -64.95 14.40 -15.85
N ILE A 556 -64.41 14.85 -16.98
CA ILE A 556 -63.13 14.42 -17.50
C ILE A 556 -62.33 15.69 -17.84
N THR A 557 -61.49 16.14 -16.92
CA THR A 557 -60.76 17.39 -17.10
C THR A 557 -59.72 17.34 -18.20
N LYS A 558 -59.23 18.51 -18.59
CA LYS A 558 -58.17 18.60 -19.59
C LYS A 558 -56.99 17.74 -19.17
N SER A 559 -56.70 17.68 -17.86
CA SER A 559 -55.59 16.87 -17.32
C SER A 559 -55.84 15.37 -17.45
N MET A 560 -56.97 14.90 -16.94
CA MET A 560 -57.36 13.49 -17.09
C MET A 560 -57.36 13.04 -18.56
N GLU A 561 -57.82 13.93 -19.44
CA GLU A 561 -57.75 13.69 -20.86
C GLU A 561 -56.31 13.27 -21.19
N ILE A 562 -55.36 14.12 -20.88
CA ILE A 562 -53.99 13.90 -21.29
C ILE A 562 -53.36 12.68 -20.61
N ALA A 563 -53.79 12.39 -19.39
CA ALA A 563 -53.21 11.28 -18.64
C ALA A 563 -53.72 10.00 -19.23
N ILE A 564 -55.01 9.93 -19.48
CA ILE A 564 -55.60 8.70 -20.02
C ILE A 564 -54.98 8.33 -21.38
N GLN A 565 -54.71 9.35 -22.18
CA GLN A 565 -54.12 9.18 -23.50
C GLN A 565 -52.67 8.73 -23.41
N GLU A 566 -51.86 9.47 -22.68
CA GLU A 566 -50.46 9.12 -22.52
C GLU A 566 -50.29 7.70 -22.02
N THR A 567 -51.08 7.32 -21.00
CA THR A 567 -51.06 5.94 -20.51
C THR A 567 -51.53 4.95 -21.57
N LYS A 568 -52.71 5.17 -22.12
CA LYS A 568 -53.23 4.32 -23.20
C LYS A 568 -52.11 4.02 -24.18
N ARG A 569 -51.46 5.08 -24.65
CA ARG A 569 -50.39 4.99 -25.64
C ARG A 569 -49.22 4.13 -25.21
N ARG A 570 -48.78 4.33 -23.98
CA ARG A 570 -47.77 3.46 -23.37
C ARG A 570 -48.19 1.98 -23.45
N ARG A 571 -49.40 1.70 -22.96
CA ARG A 571 -49.89 0.34 -22.87
C ARG A 571 -49.93 -0.35 -24.24
N ALA A 572 -50.22 0.40 -25.30
CA ALA A 572 -50.22 -0.15 -26.66
C ALA A 572 -48.81 -0.51 -27.17
N ILE A 573 -47.91 0.44 -27.08
CA ILE A 573 -46.55 0.20 -27.53
C ILE A 573 -45.96 -0.96 -26.76
N GLN A 574 -46.32 -1.03 -25.49
CA GLN A 574 -45.78 -2.07 -24.63
C GLN A 574 -46.34 -3.39 -25.08
N GLU A 575 -47.66 -3.45 -25.20
CA GLU A 575 -48.36 -4.70 -25.56
C GLU A 575 -47.95 -5.17 -26.96
N GLU A 576 -47.66 -4.21 -27.84
CA GLU A 576 -47.12 -4.52 -29.15
C GLU A 576 -45.78 -5.25 -29.04
N TYR A 577 -44.81 -4.64 -28.38
CA TYR A 577 -43.49 -5.26 -28.18
C TYR A 577 -43.62 -6.63 -27.52
N ASN A 578 -44.61 -6.79 -26.63
CA ASN A 578 -44.85 -8.09 -25.99
C ASN A 578 -45.34 -9.14 -26.97
N ARG A 579 -46.27 -8.74 -27.84
CA ARG A 579 -46.81 -9.61 -28.88
C ARG A 579 -45.75 -10.04 -29.90
N LYS A 580 -44.81 -9.15 -30.25
CA LYS A 580 -43.64 -9.53 -31.07
C LYS A 580 -42.73 -10.59 -30.42
N HIS A 581 -42.12 -10.20 -29.30
CA HIS A 581 -41.17 -11.05 -28.60
C HIS A 581 -41.87 -12.19 -27.87
N GLY A 582 -43.20 -12.16 -27.88
CA GLY A 582 -43.98 -13.18 -27.20
C GLY A 582 -43.62 -13.26 -25.74
N ILE A 583 -43.93 -12.20 -24.99
CA ILE A 583 -43.64 -12.08 -23.55
C ILE A 583 -44.93 -12.06 -22.72
N VAL A 584 -44.91 -12.78 -21.60
CA VAL A 584 -46.01 -12.77 -20.66
C VAL A 584 -45.55 -11.95 -19.45
N PRO A 585 -46.12 -10.73 -19.26
CA PRO A 585 -45.71 -9.90 -18.13
C PRO A 585 -45.78 -10.61 -16.76
N ARG A 586 -44.67 -10.52 -16.02
CA ARG A 586 -44.56 -11.12 -14.70
C ARG A 586 -44.40 -9.96 -13.73
N THR A 587 -45.07 -10.03 -12.59
CA THR A 587 -44.98 -8.97 -11.59
C THR A 587 -43.58 -8.94 -10.96
N VAL A 588 -43.10 -7.73 -10.70
CA VAL A 588 -41.71 -7.48 -10.25
C VAL A 588 -41.40 -8.27 -8.97
N LYS A 589 -40.47 -9.21 -9.07
CA LYS A 589 -39.98 -9.94 -7.89
C LYS A 589 -38.97 -9.06 -7.15
N LYS A 590 -39.38 -8.48 -6.02
CA LYS A 590 -38.49 -7.55 -5.28
C LYS A 590 -38.47 -7.85 -3.78
N GLU A 591 -37.27 -7.92 -3.22
CA GLU A 591 -37.05 -8.37 -1.85
C GLU A 591 -37.49 -7.25 -0.93
N ILE A 592 -38.23 -7.55 0.14
CA ILE A 592 -38.92 -6.50 0.91
C ILE A 592 -38.30 -6.12 2.25
N ARG A 593 -37.06 -6.47 2.54
CA ARG A 593 -36.55 -6.14 3.88
C ARG A 593 -35.18 -5.54 3.86
N GLY B 3 18.28 7.51 0.60
CA GLY B 3 18.17 6.43 1.62
C GLY B 3 19.35 6.52 2.57
N ARG B 4 19.11 6.24 3.85
CA ARG B 4 20.11 6.43 4.90
C ARG B 4 19.98 5.33 5.94
N PHE B 5 21.10 4.93 6.54
CA PHE B 5 21.11 3.87 7.52
C PHE B 5 20.56 4.31 8.86
N GLN B 6 19.68 3.48 9.41
CA GLN B 6 18.98 3.75 10.66
C GLN B 6 19.34 2.69 11.71
N LEU B 7 20.38 3.00 12.50
CA LEU B 7 20.88 2.12 13.56
C LEU B 7 19.87 2.00 14.71
N VAL B 8 19.75 0.82 15.30
CA VAL B 8 18.76 0.57 16.34
C VAL B 8 19.31 -0.42 17.34
N ALA B 9 19.81 0.07 18.46
CA ALA B 9 20.30 -0.81 19.52
C ALA B 9 19.75 -0.42 20.88
N PRO B 10 19.45 -1.42 21.74
CA PRO B 10 19.02 -1.09 23.11
C PRO B 10 20.17 -0.57 23.99
N TYR B 11 21.15 0.10 23.39
CA TYR B 11 22.34 0.52 24.10
C TYR B 11 23.16 1.43 23.20
N GLU B 12 24.27 1.91 23.76
CA GLU B 12 25.15 2.81 23.05
C GLU B 12 26.60 2.39 23.15
N PRO B 13 27.45 3.04 22.36
CA PRO B 13 28.85 2.68 22.41
C PRO B 13 29.37 2.72 23.84
N GLN B 14 30.29 1.83 24.15
CA GLN B 14 30.65 1.52 25.54
C GLN B 14 31.95 0.74 25.55
N GLY B 15 32.83 1.09 26.46
CA GLY B 15 34.16 0.50 26.47
C GLY B 15 34.97 1.35 25.55
N ASP B 16 35.88 0.78 24.78
CA ASP B 16 36.63 1.62 23.82
C ASP B 16 36.09 1.48 22.38
N GLN B 17 34.82 1.10 22.31
CA GLN B 17 34.06 1.19 21.06
C GLN B 17 34.02 2.64 20.51
N PRO B 18 33.71 3.65 21.36
CA PRO B 18 33.61 5.04 20.90
C PRO B 18 34.84 5.54 20.15
N GLN B 19 36.03 5.34 20.66
CA GLN B 19 37.20 5.84 19.91
C GLN B 19 37.44 5.01 18.66
N ALA B 20 37.10 3.72 18.74
CA ALA B 20 37.38 2.83 17.61
C ALA B 20 36.50 3.20 16.43
N ILE B 21 35.25 3.55 16.71
CA ILE B 21 34.33 4.05 15.71
C ILE B 21 34.84 5.38 15.20
N ALA B 22 35.32 6.23 16.08
CA ALA B 22 35.75 7.55 15.68
C ALA B 22 36.97 7.46 14.76
N LYS B 23 37.91 6.59 15.12
CA LYS B 23 39.12 6.48 14.34
C LYS B 23 38.84 5.90 12.95
N LEU B 24 37.93 4.94 12.89
CA LEU B 24 37.61 4.30 11.62
C LEU B 24 36.81 5.21 10.71
N VAL B 25 35.73 5.79 11.22
CA VAL B 25 34.95 6.78 10.45
C VAL B 25 35.89 7.88 9.91
N ASP B 26 36.81 8.32 10.73
CA ASP B 26 37.77 9.32 10.31
C ASP B 26 38.54 8.81 9.11
N GLY B 27 39.22 7.68 9.29
CA GLY B 27 40.07 7.08 8.22
C GLY B 27 39.35 6.88 6.88
N LEU B 28 38.10 6.47 6.96
CA LEU B 28 37.28 6.35 5.79
C LEU B 28 37.12 7.70 5.13
N ARG B 29 36.68 8.69 5.90
CA ARG B 29 36.39 10.05 5.38
C ARG B 29 37.61 10.83 4.94
N ARG B 30 38.80 10.48 5.45
CA ARG B 30 40.06 10.93 4.84
C ARG B 30 40.49 10.12 3.61
N GLY B 31 39.63 9.16 3.23
CA GLY B 31 39.81 8.35 2.04
C GLY B 31 40.89 7.27 2.10
N VAL B 32 41.16 6.72 3.28
CA VAL B 32 42.18 5.68 3.40
C VAL B 32 41.57 4.38 2.92
N LYS B 33 42.34 3.62 2.13
CA LYS B 33 41.86 2.41 1.47
C LYS B 33 41.74 1.24 2.45
N HIS B 34 42.85 0.94 3.11
CA HIS B 34 42.98 -0.21 3.99
C HIS B 34 42.99 0.19 5.45
N GLN B 35 42.14 -0.45 6.26
CA GLN B 35 42.18 -0.29 7.70
C GLN B 35 41.87 -1.57 8.47
N THR B 36 42.36 -1.62 9.70
CA THR B 36 42.31 -2.86 10.47
C THR B 36 41.81 -2.61 11.90
N LEU B 37 40.59 -3.01 12.13
CA LEU B 37 40.04 -3.06 13.47
C LEU B 37 40.59 -4.30 14.20
N LEU B 38 41.58 -4.09 15.06
CA LEU B 38 42.11 -5.13 15.94
C LEU B 38 41.20 -5.16 17.18
N GLY B 39 40.32 -6.15 17.23
CA GLY B 39 39.22 -6.22 18.23
C GLY B 39 39.15 -7.54 18.98
N ALA B 40 39.62 -7.52 20.22
CA ALA B 40 39.66 -8.72 21.03
C ALA B 40 38.28 -9.35 21.13
N THR B 41 38.25 -10.66 21.27
CA THR B 41 36.94 -11.36 21.30
C THR B 41 36.04 -10.81 22.37
N GLY B 42 34.78 -10.60 22.02
CA GLY B 42 33.77 -10.14 22.99
C GLY B 42 33.74 -8.63 23.28
N THR B 43 34.37 -7.82 22.41
CA THR B 43 34.24 -6.39 22.52
C THR B 43 33.06 -5.80 21.73
N GLY B 44 32.30 -6.63 21.01
CA GLY B 44 31.13 -6.15 20.25
C GLY B 44 31.52 -5.54 18.92
N LYS B 45 32.21 -6.33 18.12
CA LYS B 45 32.78 -5.85 16.88
C LYS B 45 31.72 -5.54 15.85
N THR B 46 30.70 -6.39 15.78
CA THR B 46 29.59 -6.20 14.85
C THR B 46 29.05 -4.79 15.10
N PHE B 47 28.81 -4.49 16.37
CA PHE B 47 28.27 -3.17 16.78
C PHE B 47 29.17 -2.01 16.47
N THR B 48 30.44 -2.10 16.83
CA THR B 48 31.39 -1.12 16.39
C THR B 48 31.28 -0.90 14.90
N ILE B 49 31.28 -1.99 14.12
CA ILE B 49 31.29 -1.91 12.63
C ILE B 49 30.01 -1.26 12.14
N SER B 50 28.88 -1.76 12.65
CA SER B 50 27.58 -1.20 12.38
C SER B 50 27.53 0.32 12.55
N ASN B 51 28.19 0.82 13.59
CA ASN B 51 28.19 2.26 13.85
C ASN B 51 28.92 2.94 12.70
N VAL B 52 30.13 2.48 12.43
CA VAL B 52 30.89 3.05 11.34
C VAL B 52 30.03 3.14 10.08
N ILE B 53 29.30 2.07 9.82
CA ILE B 53 28.52 1.99 8.60
C ILE B 53 27.47 3.07 8.56
N ALA B 54 26.75 3.23 9.67
CA ALA B 54 25.64 4.18 9.71
C ALA B 54 26.18 5.61 9.60
N GLN B 55 27.38 5.84 10.10
CA GLN B 55 27.96 7.15 10.01
C GLN B 55 28.39 7.58 8.61
N VAL B 56 28.90 6.65 7.80
CA VAL B 56 29.43 6.99 6.44
C VAL B 56 28.44 6.71 5.31
N ASN B 57 27.35 6.02 5.63
CA ASN B 57 26.24 5.80 4.70
C ASN B 57 26.62 5.37 3.31
N LYS B 58 27.64 4.54 3.24
CA LYS B 58 28.01 3.88 2.01
C LYS B 58 27.34 2.51 2.04
N PRO B 59 26.91 2.00 0.88
CA PRO B 59 26.46 0.61 0.83
C PRO B 59 27.65 -0.35 1.04
N THR B 60 27.44 -1.38 1.87
CA THR B 60 28.55 -2.24 2.33
C THR B 60 28.45 -3.75 1.93
N LEU B 61 29.63 -4.33 1.71
CA LEU B 61 29.80 -5.75 1.53
C LEU B 61 30.67 -6.26 2.67
N VAL B 62 30.08 -7.08 3.53
CA VAL B 62 30.80 -7.74 4.61
C VAL B 62 31.01 -9.18 4.18
N ILE B 63 32.26 -9.64 4.25
CA ILE B 63 32.62 -10.97 3.80
C ILE B 63 33.10 -11.80 4.97
N ALA B 64 32.41 -12.91 5.20
CA ALA B 64 32.75 -13.85 6.24
C ALA B 64 33.52 -15.00 5.61
N HIS B 65 34.23 -15.76 6.45
CA HIS B 65 34.93 -16.96 6.00
C HIS B 65 34.11 -18.26 6.13
N ASN B 66 32.85 -18.14 6.51
CA ASN B 66 32.14 -19.26 7.09
C ASN B 66 30.62 -18.99 7.07
N LYS B 67 29.87 -19.89 6.49
CA LYS B 67 28.41 -19.71 6.41
C LYS B 67 27.61 -19.65 7.74
N THR B 68 28.12 -20.24 8.81
CA THR B 68 27.44 -20.12 10.08
C THR B 68 27.57 -18.72 10.66
N LEU B 69 28.81 -18.23 10.68
CA LEU B 69 29.12 -16.87 11.07
C LEU B 69 28.39 -15.83 10.22
N ALA B 70 28.42 -16.04 8.91
CA ALA B 70 27.61 -15.30 7.97
C ALA B 70 26.19 -15.15 8.48
N GLY B 71 25.56 -16.29 8.76
CA GLY B 71 24.26 -16.32 9.39
C GLY B 71 24.17 -15.40 10.59
N GLN B 72 25.07 -15.58 11.55
CA GLN B 72 25.08 -14.71 12.73
C GLN B 72 25.12 -13.22 12.35
N LEU B 73 26.13 -12.80 11.62
CA LEU B 73 26.23 -11.43 11.18
C LEU B 73 24.94 -10.97 10.51
N TYR B 74 24.43 -11.78 9.59
CA TYR B 74 23.16 -11.46 8.91
C TYR B 74 22.08 -11.09 9.92
N SER B 75 21.65 -12.06 10.74
CA SER B 75 20.58 -11.80 11.70
C SER B 75 20.94 -10.75 12.76
N GLU B 76 22.20 -10.68 13.19
CA GLU B 76 22.67 -9.60 14.08
C GLU B 76 22.43 -8.24 13.42
N LEU B 77 22.72 -8.13 12.14
CA LEU B 77 22.60 -6.85 11.46
C LEU B 77 21.14 -6.51 11.11
N LYS B 78 20.34 -7.51 10.81
CA LYS B 78 18.91 -7.27 10.63
C LYS B 78 18.28 -6.71 11.90
N GLU B 79 18.81 -7.09 13.07
CA GLU B 79 18.37 -6.50 14.32
C GLU B 79 18.85 -5.05 14.44
N PHE B 80 20.04 -4.72 13.99
CA PHE B 80 20.50 -3.33 14.09
C PHE B 80 19.86 -2.43 13.03
N PHE B 81 19.47 -3.00 11.90
CA PHE B 81 18.91 -2.20 10.80
C PHE B 81 17.64 -2.80 10.27
N PRO B 82 16.56 -2.74 11.04
CA PRO B 82 15.32 -3.39 10.62
C PRO B 82 14.53 -2.59 9.62
N HIS B 83 15.00 -1.40 9.28
CA HIS B 83 14.31 -0.59 8.29
C HIS B 83 15.13 -0.48 7.02
N ASN B 84 16.12 -1.36 6.85
CA ASN B 84 17.06 -1.24 5.74
C ASN B 84 17.20 -2.55 5.00
N ALA B 85 18.09 -2.56 4.01
CA ALA B 85 18.37 -3.77 3.21
C ALA B 85 19.58 -4.53 3.77
N VAL B 86 19.27 -5.57 4.51
CA VAL B 86 20.29 -6.48 4.96
C VAL B 86 20.09 -7.77 4.18
N GLU B 87 21.07 -8.08 3.34
CA GLU B 87 20.99 -9.19 2.41
C GLU B 87 22.12 -10.23 2.61
N TYR B 88 21.94 -11.39 1.98
CA TYR B 88 22.76 -12.56 2.21
C TYR B 88 23.07 -13.22 0.88
N PHE B 89 24.34 -13.22 0.51
CA PHE B 89 24.77 -13.75 -0.75
C PHE B 89 25.80 -14.83 -0.52
N VAL B 90 25.36 -16.06 -0.72
CA VAL B 90 26.14 -17.25 -0.39
C VAL B 90 25.89 -18.37 -1.41
N SER B 91 26.90 -19.20 -1.67
CA SER B 91 26.69 -20.44 -2.48
C SER B 91 25.31 -21.03 -2.26
N TYR B 92 24.55 -21.17 -3.35
CA TYR B 92 23.19 -21.67 -3.25
C TYR B 92 23.01 -23.16 -3.48
N TYR B 93 24.10 -23.92 -3.42
CA TYR B 93 24.08 -25.35 -3.66
C TYR B 93 23.91 -26.12 -2.38
N ASP B 94 22.91 -26.98 -2.33
CA ASP B 94 22.77 -27.90 -1.22
C ASP B 94 23.96 -28.84 -1.28
N TYR B 95 24.42 -29.12 -2.48
CA TYR B 95 25.38 -30.18 -2.74
C TYR B 95 26.09 -29.89 -4.05
N TYR B 96 27.40 -30.03 -4.11
CA TYR B 96 28.11 -29.79 -5.38
C TYR B 96 29.46 -30.46 -5.46
N GLN B 97 29.64 -31.22 -6.54
CA GLN B 97 30.92 -31.75 -6.95
C GLN B 97 31.24 -31.28 -8.36
N PRO B 98 32.34 -30.57 -8.56
CA PRO B 98 32.63 -30.08 -9.89
C PRO B 98 33.21 -31.15 -10.80
N GLU B 99 33.12 -30.88 -12.10
CA GLU B 99 33.73 -31.72 -13.13
C GLU B 99 35.21 -31.69 -12.88
N ALA B 100 35.85 -32.85 -12.90
CA ALA B 100 37.26 -32.95 -12.57
C ALA B 100 37.86 -34.23 -13.11
N TYR B 101 39.14 -34.17 -13.44
CA TYR B 101 39.92 -35.34 -13.81
C TYR B 101 41.20 -35.46 -12.94
N VAL B 102 41.21 -36.47 -12.09
CA VAL B 102 42.38 -36.79 -11.26
C VAL B 102 43.42 -37.62 -12.06
N PRO B 103 44.54 -37.01 -12.47
CA PRO B 103 45.47 -37.76 -13.31
C PRO B 103 46.17 -38.91 -12.58
N GLN B 104 46.48 -38.75 -11.30
CA GLN B 104 47.12 -39.83 -10.56
C GLN B 104 46.29 -41.13 -10.54
N THR B 105 44.97 -41.05 -10.65
CA THR B 105 44.11 -42.26 -10.71
C THR B 105 43.36 -42.45 -12.02
N ASP B 106 43.76 -41.72 -13.06
CA ASP B 106 43.04 -41.68 -14.33
C ASP B 106 41.52 -41.78 -14.06
N THR B 107 40.97 -40.81 -13.34
CA THR B 107 39.56 -40.85 -12.94
C THR B 107 38.88 -39.52 -13.24
N TYR B 108 37.86 -39.57 -14.09
CA TYR B 108 37.05 -38.42 -14.45
C TYR B 108 35.81 -38.49 -13.61
N ILE B 109 35.57 -37.42 -12.86
CA ILE B 109 34.38 -37.30 -12.06
C ILE B 109 33.55 -36.28 -12.78
N GLU B 110 32.29 -36.61 -13.04
CA GLU B 110 31.42 -35.69 -13.74
C GLU B 110 30.70 -34.78 -12.74
N LYS B 111 30.28 -33.60 -13.20
CA LYS B 111 29.62 -32.59 -12.35
C LYS B 111 28.27 -33.05 -11.80
N ASP B 112 28.12 -33.04 -10.49
CA ASP B 112 26.84 -33.31 -9.84
C ASP B 112 26.51 -32.11 -8.96
N ALA B 113 25.24 -31.79 -8.83
CA ALA B 113 24.83 -30.59 -8.10
C ALA B 113 23.37 -30.61 -7.70
N LYS B 114 23.01 -29.67 -6.86
CA LYS B 114 21.64 -29.50 -6.43
C LYS B 114 21.43 -28.11 -5.81
N ILE B 115 20.35 -27.45 -6.23
CA ILE B 115 20.08 -26.06 -5.86
C ILE B 115 19.19 -25.92 -4.62
N ASN B 116 19.37 -24.82 -3.92
CA ASN B 116 18.61 -24.53 -2.73
C ASN B 116 17.87 -23.27 -2.99
N ASP B 117 16.55 -23.35 -2.86
CA ASP B 117 15.66 -22.29 -3.30
C ASP B 117 15.75 -21.03 -2.43
N GLU B 118 15.62 -21.27 -1.13
CA GLU B 118 15.70 -20.21 -0.14
C GLU B 118 16.92 -19.36 -0.41
N ILE B 119 18.04 -20.00 -0.71
CA ILE B 119 19.32 -19.30 -0.87
C ILE B 119 19.41 -18.62 -2.23
N ASP B 120 18.79 -19.20 -3.26
CA ASP B 120 18.72 -18.54 -4.56
C ASP B 120 17.94 -17.24 -4.42
N LYS B 121 16.75 -17.36 -3.85
CA LYS B 121 15.90 -16.20 -3.51
C LYS B 121 16.73 -15.06 -2.93
N LEU B 122 17.36 -15.33 -1.79
CA LEU B 122 18.14 -14.32 -1.08
C LEU B 122 19.24 -13.70 -1.94
N ARG B 123 19.81 -14.47 -2.84
CA ARG B 123 20.85 -14.00 -3.72
C ARG B 123 20.25 -12.97 -4.68
N HIS B 124 19.09 -13.30 -5.19
CA HIS B 124 18.38 -12.36 -6.08
C HIS B 124 17.93 -11.11 -5.32
N SER B 125 17.41 -11.32 -4.12
CA SER B 125 17.07 -10.21 -3.23
C SER B 125 18.26 -9.27 -3.05
N ALA B 126 19.44 -9.84 -2.90
CA ALA B 126 20.65 -9.06 -2.66
C ALA B 126 21.07 -8.21 -3.84
N THR B 127 20.91 -8.74 -5.04
CA THR B 127 21.39 -8.07 -6.24
C THR B 127 20.41 -6.97 -6.68
N SER B 128 19.11 -7.27 -6.56
CA SER B 128 18.08 -6.32 -6.96
C SER B 128 18.07 -5.15 -5.98
N ALA B 129 18.27 -5.44 -4.70
CA ALA B 129 18.38 -4.39 -3.69
C ALA B 129 19.46 -3.36 -4.06
N LEU B 130 20.53 -3.78 -4.68
CA LEU B 130 21.61 -2.87 -5.01
C LEU B 130 21.30 -1.92 -6.15
N PHE B 131 20.19 -2.17 -6.84
CA PHE B 131 19.74 -1.29 -7.91
C PHE B 131 18.50 -0.52 -7.49
N GLU B 132 17.80 -1.03 -6.46
CA GLU B 132 16.58 -0.44 -5.93
C GLU B 132 16.79 0.60 -4.81
N ARG B 133 18.00 0.72 -4.29
CA ARG B 133 18.29 1.60 -3.14
C ARG B 133 19.75 1.61 -2.74
N ARG B 134 20.06 2.57 -1.91
CA ARG B 134 21.42 2.88 -1.53
C ARG B 134 21.74 2.31 -0.13
N ASP B 135 20.71 2.08 0.69
CA ASP B 135 20.91 1.63 2.07
C ASP B 135 20.94 0.07 2.13
N VAL B 136 22.02 -0.49 1.62
CA VAL B 136 22.17 -1.95 1.47
C VAL B 136 23.43 -2.44 2.19
N ILE B 137 23.24 -3.51 2.96
CA ILE B 137 24.36 -4.28 3.50
C ILE B 137 24.19 -5.73 3.09
N ILE B 138 25.20 -6.27 2.43
CA ILE B 138 25.20 -7.69 2.07
C ILE B 138 26.25 -8.45 2.89
N VAL B 139 25.78 -9.48 3.60
CA VAL B 139 26.65 -10.42 4.30
C VAL B 139 26.87 -11.56 3.33
N ALA B 140 28.14 -11.89 3.06
CA ALA B 140 28.49 -12.83 2.00
C ALA B 140 29.63 -13.79 2.29
N SER B 141 29.65 -14.91 1.57
CA SER B 141 30.83 -15.72 1.46
C SER B 141 31.77 -15.27 0.31
N VAL B 142 32.83 -16.02 0.08
CA VAL B 142 33.68 -15.74 -1.07
C VAL B 142 32.94 -15.98 -2.40
N SER B 143 31.68 -16.42 -2.32
CA SER B 143 30.80 -16.48 -3.50
C SER B 143 30.85 -15.18 -4.27
N SER B 144 31.06 -14.11 -3.52
CA SER B 144 31.04 -12.77 -4.00
C SER B 144 32.14 -12.50 -4.99
N ILE B 145 33.18 -13.34 -5.04
CA ILE B 145 34.20 -13.13 -6.08
C ILE B 145 34.08 -14.09 -7.24
N TYR B 146 33.07 -14.96 -7.20
CA TYR B 146 32.73 -15.84 -8.32
C TYR B 146 31.82 -15.10 -9.31
N GLY B 147 31.71 -15.64 -10.52
CA GLY B 147 31.18 -14.93 -11.68
C GLY B 147 29.68 -14.75 -11.78
N LEU B 148 29.29 -13.60 -12.33
CA LEU B 148 27.90 -13.27 -12.58
C LEU B 148 27.79 -12.55 -13.92
N GLY B 149 26.59 -12.49 -14.44
CA GLY B 149 26.31 -11.64 -15.59
C GLY B 149 26.66 -10.20 -15.28
N SER B 150 27.10 -9.46 -16.30
CA SER B 150 27.45 -8.03 -16.16
C SER B 150 26.31 -7.25 -15.50
N PRO B 151 26.66 -6.29 -14.62
CA PRO B 151 25.66 -5.39 -14.04
C PRO B 151 24.84 -4.66 -15.12
N GLU B 152 25.53 -4.11 -16.12
CA GLU B 152 24.88 -3.40 -17.20
C GLU B 152 23.71 -4.20 -17.74
N GLU B 153 23.99 -5.39 -18.25
CA GLU B 153 22.96 -6.26 -18.81
C GLU B 153 21.88 -6.69 -17.81
N TYR B 154 22.25 -6.81 -16.53
CA TYR B 154 21.25 -7.12 -15.51
C TYR B 154 20.15 -6.07 -15.49
N ARG B 155 20.56 -4.79 -15.41
CA ARG B 155 19.60 -3.70 -15.29
C ARG B 155 18.79 -3.53 -16.58
N GLU B 156 19.48 -3.46 -17.71
CA GLU B 156 18.80 -3.20 -18.97
C GLU B 156 17.95 -4.38 -19.45
N LEU B 157 17.87 -5.47 -18.68
CA LEU B 157 16.87 -6.51 -18.93
C LEU B 157 15.70 -6.42 -17.97
N VAL B 158 15.65 -5.35 -17.20
CA VAL B 158 14.66 -5.21 -16.14
C VAL B 158 13.36 -4.79 -16.76
N VAL B 159 12.36 -5.66 -16.65
CA VAL B 159 11.02 -5.35 -17.09
C VAL B 159 10.43 -4.35 -16.12
N SER B 160 10.73 -3.08 -16.38
CA SER B 160 10.16 -1.97 -15.63
C SER B 160 8.68 -1.73 -15.99
N LEU B 161 7.82 -1.67 -14.98
CA LEU B 161 6.39 -1.41 -15.23
C LEU B 161 5.94 -0.09 -14.62
N ARG B 162 4.79 0.40 -15.08
CA ARG B 162 4.28 1.70 -14.65
C ARG B 162 2.78 1.80 -14.96
N VAL B 163 2.02 2.54 -14.13
CA VAL B 163 0.59 2.79 -14.39
C VAL B 163 0.41 3.83 -15.48
N GLY B 164 -0.57 3.60 -16.35
CA GLY B 164 -0.76 4.44 -17.54
C GLY B 164 0.17 4.10 -18.69
N MET B 165 1.09 3.17 -18.45
CA MET B 165 1.99 2.67 -19.48
C MET B 165 1.16 1.76 -20.39
N GLU B 166 1.51 1.76 -21.67
CA GLU B 166 0.83 0.97 -22.67
C GLU B 166 1.75 -0.13 -23.17
N ILE B 167 1.26 -1.36 -23.06
CA ILE B 167 2.00 -2.52 -23.54
C ILE B 167 1.06 -3.76 -23.53
N GLU B 168 1.20 -4.60 -24.56
CA GLU B 168 0.34 -5.77 -24.74
C GLU B 168 0.68 -6.84 -23.73
N ARG B 169 -0.26 -7.74 -23.47
CA ARG B 169 -0.03 -8.85 -22.55
C ARG B 169 1.02 -9.84 -23.08
N ASN B 170 1.12 -10.02 -24.41
CA ASN B 170 2.22 -10.78 -25.03
C ASN B 170 3.56 -10.20 -24.59
N ALA B 171 3.89 -9.01 -25.09
CA ALA B 171 5.19 -8.39 -24.84
C ALA B 171 5.62 -8.55 -23.36
N LEU B 172 4.65 -8.56 -22.45
CA LEU B 172 4.95 -8.79 -21.04
C LEU B 172 5.36 -10.24 -20.84
N LEU B 173 4.41 -11.15 -21.00
CA LEU B 173 4.66 -12.58 -20.76
C LEU B 173 5.91 -13.00 -21.52
N ARG B 174 5.97 -12.63 -22.78
CA ARG B 174 7.11 -12.85 -23.66
C ARG B 174 8.43 -12.43 -22.97
N ARG B 175 8.49 -11.19 -22.50
CA ARG B 175 9.70 -10.67 -21.87
C ARG B 175 10.02 -11.33 -20.54
N LEU B 176 9.00 -11.79 -19.81
CA LEU B 176 9.19 -12.52 -18.55
C LEU B 176 9.91 -13.86 -18.75
N VAL B 177 9.52 -14.57 -19.82
CA VAL B 177 10.18 -15.80 -20.18
C VAL B 177 11.56 -15.48 -20.75
N ASP B 178 11.70 -14.39 -21.50
CA ASP B 178 13.03 -13.94 -21.96
C ASP B 178 14.02 -13.85 -20.80
N ILE B 179 13.53 -13.35 -19.66
CA ILE B 179 14.33 -13.23 -18.43
C ILE B 179 14.00 -14.27 -17.34
N GLN B 180 13.54 -15.45 -17.78
CA GLN B 180 13.60 -16.70 -16.99
C GLN B 180 12.53 -16.87 -15.91
N TYR B 181 11.36 -16.26 -16.10
CA TYR B 181 10.20 -16.62 -15.30
C TYR B 181 9.44 -17.71 -16.05
N ASP B 182 8.75 -18.56 -15.29
CA ASP B 182 8.00 -19.69 -15.84
C ASP B 182 6.54 -19.47 -15.56
N ARG B 183 5.67 -19.83 -16.52
CA ARG B 183 4.24 -19.86 -16.23
C ARG B 183 3.89 -20.95 -15.19
N ASN B 184 2.89 -20.71 -14.36
CA ASN B 184 2.44 -21.74 -13.44
C ASN B 184 1.15 -21.35 -12.73
N ASP B 185 0.09 -22.07 -13.04
CA ASP B 185 -1.21 -21.80 -12.44
C ASP B 185 -1.52 -22.68 -11.22
N ILE B 186 -0.76 -23.77 -11.04
CA ILE B 186 -1.06 -24.75 -9.99
C ILE B 186 -0.26 -24.46 -8.70
N ASP B 187 1.06 -24.49 -8.81
CA ASP B 187 1.98 -24.20 -7.71
C ASP B 187 2.61 -22.85 -8.07
N PHE B 188 2.02 -21.75 -7.58
CA PHE B 188 2.53 -20.40 -7.87
C PHE B 188 3.63 -19.99 -6.86
N ARG B 189 4.84 -19.89 -7.34
CA ARG B 189 6.01 -19.90 -6.49
C ARG B 189 6.97 -18.88 -7.05
N ARG B 190 7.95 -18.47 -6.27
CA ARG B 190 8.87 -17.43 -6.72
C ARG B 190 9.42 -17.71 -8.11
N GLY B 191 9.69 -16.66 -8.87
CA GLY B 191 10.26 -16.80 -10.20
C GLY B 191 9.25 -17.33 -11.20
N THR B 192 7.96 -17.00 -10.99
CA THR B 192 6.88 -17.39 -11.90
C THR B 192 5.90 -16.23 -12.19
N PHE B 193 4.97 -16.50 -13.11
CA PHE B 193 3.82 -15.63 -13.41
C PHE B 193 2.58 -16.46 -13.71
N ARG B 194 1.42 -16.04 -13.22
CA ARG B 194 0.18 -16.67 -13.64
C ARG B 194 -0.86 -15.63 -13.96
N VAL B 195 -1.29 -15.63 -15.22
CA VAL B 195 -2.39 -14.79 -15.65
C VAL B 195 -3.71 -15.46 -15.22
N ARG B 196 -4.49 -14.79 -14.38
CA ARG B 196 -5.78 -15.31 -13.93
C ARG B 196 -6.80 -14.19 -13.75
N GLY B 197 -7.42 -13.84 -14.88
CA GLY B 197 -8.43 -12.77 -15.01
C GLY B 197 -7.93 -11.62 -15.88
N ASP B 198 -8.23 -10.41 -15.43
CA ASP B 198 -7.61 -9.18 -15.94
C ASP B 198 -6.22 -8.98 -15.31
N VAL B 199 -6.03 -9.60 -14.15
CA VAL B 199 -4.77 -9.53 -13.41
C VAL B 199 -3.66 -10.42 -14.04
N VAL B 200 -2.43 -9.89 -14.12
CA VAL B 200 -1.21 -10.68 -14.44
C VAL B 200 -0.30 -10.77 -13.20
N GLU B 201 -0.59 -11.77 -12.38
CA GLU B 201 0.03 -11.93 -11.07
C GLU B 201 1.45 -12.46 -11.20
N ILE B 202 2.42 -11.69 -10.69
CA ILE B 202 3.84 -12.05 -10.75
C ILE B 202 4.46 -12.30 -9.38
N PHE B 203 5.36 -13.29 -9.31
CA PHE B 203 6.09 -13.64 -8.07
C PHE B 203 7.58 -13.42 -8.30
N PRO B 204 8.15 -12.34 -7.76
CA PRO B 204 9.53 -12.04 -8.15
C PRO B 204 10.50 -13.01 -7.53
N ALA B 205 11.57 -13.25 -8.27
CA ALA B 205 12.62 -14.15 -7.82
C ALA B 205 13.17 -13.69 -6.49
N SER B 206 13.33 -12.37 -6.38
CA SER B 206 13.93 -11.75 -5.22
C SER B 206 13.03 -11.76 -3.97
N ARG B 207 11.85 -12.35 -4.05
CA ARG B 207 10.93 -12.34 -2.91
C ARG B 207 10.16 -13.64 -2.73
N ASP B 208 9.65 -13.78 -1.51
CA ASP B 208 9.33 -15.05 -0.91
C ASP B 208 7.85 -15.30 -0.83
N GLU B 209 7.13 -14.36 -0.19
CA GLU B 209 5.70 -14.46 0.13
C GLU B 209 4.81 -13.33 -0.45
N HIS B 210 5.44 -12.34 -1.08
CA HIS B 210 4.77 -11.14 -1.58
C HIS B 210 4.86 -11.05 -3.10
N SER B 211 3.72 -11.26 -3.77
CA SER B 211 3.64 -11.15 -5.22
C SER B 211 3.24 -9.73 -5.64
N ILE B 212 3.46 -9.42 -6.93
CA ILE B 212 2.93 -8.23 -7.59
C ILE B 212 1.62 -8.62 -8.25
N ARG B 213 0.66 -7.68 -8.36
CA ARG B 213 -0.62 -7.94 -9.06
C ARG B 213 -0.99 -6.86 -10.07
N VAL B 214 -0.43 -6.94 -11.27
CA VAL B 214 -0.72 -5.95 -12.32
C VAL B 214 -2.08 -6.19 -12.97
N GLU B 215 -2.95 -5.17 -12.93
CA GLU B 215 -4.30 -5.18 -13.55
C GLU B 215 -4.27 -4.46 -14.91
N PHE B 216 -4.93 -5.07 -15.89
CA PHE B 216 -4.88 -4.60 -17.28
C PHE B 216 -6.24 -4.21 -17.86
N PHE B 217 -6.21 -3.25 -18.78
CA PHE B 217 -7.34 -2.98 -19.65
C PHE B 217 -6.79 -2.69 -21.04
N GLY B 218 -7.17 -3.55 -21.99
CA GLY B 218 -6.69 -3.45 -23.37
C GLY B 218 -5.17 -3.42 -23.41
N ASP B 219 -4.62 -2.45 -24.12
CA ASP B 219 -3.17 -2.27 -24.21
C ASP B 219 -2.69 -1.22 -23.19
N GLU B 220 -3.12 -1.36 -21.94
CA GLU B 220 -2.84 -0.34 -20.92
C GLU B 220 -2.85 -0.89 -19.50
N ILE B 221 -1.77 -0.57 -18.76
CA ILE B 221 -1.65 -0.92 -17.34
C ILE B 221 -2.33 0.17 -16.55
N GLU B 222 -3.29 -0.24 -15.75
CA GLU B 222 -4.03 0.70 -14.91
C GLU B 222 -3.63 0.65 -13.45
N ARG B 223 -3.30 -0.51 -12.93
CA ARG B 223 -3.03 -0.64 -11.49
C ARG B 223 -1.97 -1.70 -11.20
N ILE B 224 -1.15 -1.46 -10.17
CA ILE B 224 -0.06 -2.37 -9.77
C ILE B 224 -0.06 -2.49 -8.26
N ARG B 225 -0.34 -3.68 -7.74
CA ARG B 225 -0.58 -3.84 -6.31
C ARG B 225 0.31 -4.93 -5.75
N GLU B 226 0.65 -4.84 -4.47
CA GLU B 226 1.51 -5.84 -3.86
C GLU B 226 0.76 -6.74 -2.85
N VAL B 227 0.60 -7.99 -3.25
CA VAL B 227 -0.26 -8.96 -2.55
C VAL B 227 0.53 -10.01 -1.77
N ASP B 228 0.07 -10.35 -0.57
CA ASP B 228 0.52 -11.57 0.11
C ASP B 228 -0.10 -12.74 -0.66
N ALA B 229 0.70 -13.37 -1.53
CA ALA B 229 0.20 -14.45 -2.40
C ALA B 229 -0.35 -15.64 -1.60
N LEU B 230 0.18 -15.83 -0.38
CA LEU B 230 -0.28 -16.90 0.53
C LEU B 230 -1.76 -16.72 0.91
N THR B 231 -2.09 -15.55 1.43
CA THR B 231 -3.44 -15.24 1.96
C THR B 231 -4.33 -14.33 1.06
N GLY B 232 -3.80 -13.86 -0.06
CA GLY B 232 -4.55 -12.99 -0.98
C GLY B 232 -4.65 -11.51 -0.59
N GLU B 233 -4.16 -11.17 0.59
CA GLU B 233 -4.28 -9.81 1.15
C GLU B 233 -3.46 -8.80 0.36
N VAL B 234 -4.13 -7.87 -0.31
CA VAL B 234 -3.45 -6.69 -0.82
C VAL B 234 -2.84 -5.89 0.36
N LEU B 235 -1.67 -5.30 0.12
CA LEU B 235 -1.01 -4.51 1.17
C LEU B 235 -0.04 -3.46 0.59
N GLY B 236 -0.34 -2.99 -0.62
CA GLY B 236 0.55 -2.06 -1.33
C GLY B 236 -0.05 -1.48 -2.60
N GLU B 237 0.31 -0.24 -2.90
CA GLU B 237 -0.18 0.48 -4.08
C GLU B 237 1.02 1.15 -4.71
N ARG B 238 1.33 0.79 -5.94
CA ARG B 238 2.58 1.22 -6.53
C ARG B 238 2.30 1.99 -7.79
N GLU B 239 3.09 3.02 -8.03
CA GLU B 239 3.12 3.66 -9.33
C GLU B 239 4.03 2.84 -10.23
N HIS B 240 5.27 2.69 -9.80
CA HIS B 240 6.30 1.95 -10.54
C HIS B 240 6.62 0.63 -9.82
N VAL B 241 6.82 -0.43 -10.61
CA VAL B 241 7.45 -1.67 -10.13
C VAL B 241 8.55 -2.09 -11.10
N ALA B 242 9.64 -2.64 -10.56
CA ALA B 242 10.81 -3.08 -11.34
C ALA B 242 11.03 -4.56 -11.10
N ILE B 243 10.75 -5.35 -12.13
CA ILE B 243 10.88 -6.80 -12.09
C ILE B 243 12.23 -7.14 -12.67
N PHE B 244 13.02 -7.86 -11.88
CA PHE B 244 14.38 -8.20 -12.25
C PHE B 244 14.45 -9.61 -12.83
N PRO B 245 15.54 -9.93 -13.55
CA PRO B 245 15.72 -11.28 -14.10
C PRO B 245 15.76 -12.35 -13.02
N ALA B 246 15.17 -13.51 -13.31
CA ALA B 246 15.20 -14.63 -12.36
C ALA B 246 16.49 -15.46 -12.42
N SER B 247 17.41 -15.06 -13.31
CA SER B 247 18.73 -15.66 -13.42
C SER B 247 19.76 -14.55 -13.56
N HIS B 248 20.93 -14.74 -12.93
CA HIS B 248 21.96 -13.73 -12.99
C HIS B 248 22.75 -13.80 -14.26
N PHE B 249 22.52 -14.83 -15.06
CA PHE B 249 23.35 -15.04 -16.25
C PHE B 249 22.75 -14.87 -17.65
N VAL B 250 21.42 -14.84 -17.76
CA VAL B 250 20.74 -14.89 -19.07
C VAL B 250 21.30 -13.80 -19.99
N CYS B 251 21.90 -14.24 -21.09
CA CYS B 251 22.34 -13.38 -22.18
C CYS B 251 21.26 -13.40 -23.28
N ARG B 252 21.52 -12.73 -24.38
CA ARG B 252 20.52 -12.58 -25.44
C ARG B 252 20.70 -13.57 -26.61
N GLU B 253 19.72 -13.60 -27.51
CA GLU B 253 19.65 -14.60 -28.60
C GLU B 253 20.65 -14.35 -29.74
N GLU B 254 20.70 -13.12 -30.23
CA GLU B 254 21.58 -12.76 -31.36
C GLU B 254 23.05 -13.04 -31.07
N LYS B 255 23.39 -13.05 -29.80
CA LYS B 255 24.74 -13.40 -29.35
C LYS B 255 25.09 -14.82 -29.81
N MET B 256 24.13 -15.72 -29.68
CA MET B 256 24.33 -17.16 -29.85
C MET B 256 25.12 -17.51 -31.11
N ARG B 257 24.64 -17.11 -32.28
CA ARG B 257 25.20 -17.60 -33.54
C ARG B 257 26.64 -17.17 -33.78
N LEU B 258 27.05 -16.04 -33.22
CA LEU B 258 28.44 -15.62 -33.35
C LEU B 258 29.33 -16.37 -32.34
N ALA B 259 28.77 -16.74 -31.19
CA ALA B 259 29.52 -17.45 -30.17
C ALA B 259 29.81 -18.85 -30.64
N ILE B 260 28.73 -19.55 -30.98
CA ILE B 260 28.82 -20.90 -31.53
C ILE B 260 29.79 -20.92 -32.70
N GLN B 261 29.76 -19.89 -33.53
CA GLN B 261 30.80 -19.67 -34.53
C GLN B 261 32.16 -19.76 -33.87
N ASN B 262 32.42 -18.91 -32.88
CA ASN B 262 33.78 -18.79 -32.32
C ASN B 262 34.26 -19.99 -31.54
N ILE B 263 33.30 -20.74 -30.99
CA ILE B 263 33.59 -21.97 -30.25
C ILE B 263 34.11 -22.98 -31.26
N GLU B 264 33.29 -23.26 -32.29
CA GLU B 264 33.67 -24.11 -33.44
C GLU B 264 35.08 -23.80 -33.95
N GLN B 265 35.45 -22.52 -33.99
CA GLN B 265 36.78 -22.12 -34.44
C GLN B 265 37.86 -22.43 -33.43
N GLU B 266 37.54 -22.30 -32.15
CA GLU B 266 38.51 -22.62 -31.11
C GLU B 266 38.77 -24.12 -31.07
N LEU B 267 37.67 -24.89 -31.16
CA LEU B 267 37.69 -26.35 -31.22
C LEU B 267 38.57 -26.89 -32.31
N GLU B 268 38.36 -26.37 -33.53
CA GLU B 268 39.18 -26.73 -34.67
C GLU B 268 40.67 -26.56 -34.33
N GLU B 269 41.08 -25.35 -33.99
CA GLU B 269 42.50 -25.10 -33.71
C GLU B 269 43.08 -25.95 -32.57
N ARG B 270 42.24 -26.27 -31.59
CA ARG B 270 42.67 -27.07 -30.44
C ARG B 270 42.88 -28.49 -30.87
N LEU B 271 41.91 -29.02 -31.60
CA LEU B 271 42.00 -30.38 -32.12
C LEU B 271 43.25 -30.57 -32.94
N ALA B 272 43.54 -29.62 -33.82
CA ALA B 272 44.80 -29.65 -34.57
C ALA B 272 46.01 -29.65 -33.64
N GLU B 273 46.04 -28.67 -32.76
CA GLU B 273 47.14 -28.47 -31.83
C GLU B 273 47.38 -29.72 -30.97
N LEU B 274 46.31 -30.40 -30.60
CA LEU B 274 46.44 -31.61 -29.80
C LEU B 274 46.99 -32.75 -30.63
N ARG B 275 46.37 -32.93 -31.80
CA ARG B 275 46.76 -33.97 -32.75
C ARG B 275 48.24 -33.81 -33.15
N ALA B 276 48.66 -32.57 -33.38
CA ALA B 276 50.06 -32.29 -33.66
C ALA B 276 51.04 -32.77 -32.58
N GLN B 277 50.58 -32.91 -31.35
CA GLN B 277 51.44 -33.33 -30.24
C GLN B 277 51.37 -34.83 -29.97
N GLY B 278 50.51 -35.52 -30.70
CA GLY B 278 50.31 -36.94 -30.51
C GLY B 278 49.28 -37.22 -29.45
N LYS B 279 48.45 -36.24 -29.13
CA LYS B 279 47.45 -36.37 -28.06
C LYS B 279 46.10 -36.67 -28.68
N LEU B 280 45.96 -37.91 -29.12
CA LEU B 280 44.86 -38.33 -29.97
C LEU B 280 43.69 -38.78 -29.16
N LEU B 281 43.96 -39.43 -28.02
CA LEU B 281 42.87 -39.75 -27.07
C LEU B 281 42.20 -38.46 -26.61
N GLU B 282 43.03 -37.46 -26.38
CA GLU B 282 42.59 -36.20 -25.82
C GLU B 282 41.69 -35.49 -26.81
N ALA B 283 42.11 -35.51 -28.07
CA ALA B 283 41.34 -34.86 -29.12
C ALA B 283 40.00 -35.56 -29.36
N GLN B 284 40.01 -36.86 -29.20
CA GLN B 284 38.79 -37.58 -29.38
C GLN B 284 37.79 -37.15 -28.33
N ARG B 285 38.22 -37.16 -27.06
CA ARG B 285 37.37 -36.72 -25.92
C ARG B 285 36.81 -35.35 -26.20
N LEU B 286 37.72 -34.42 -26.50
CA LEU B 286 37.36 -33.05 -26.76
C LEU B 286 36.29 -33.03 -27.82
N GLU B 287 36.61 -33.60 -28.99
CA GLU B 287 35.71 -33.65 -30.15
C GLU B 287 34.31 -34.09 -29.69
N GLN B 288 34.25 -35.27 -29.11
CA GLN B 288 32.95 -35.84 -28.78
C GLN B 288 32.18 -34.92 -27.82
N ARG B 289 32.79 -34.60 -26.69
CA ARG B 289 32.19 -33.75 -25.65
C ARG B 289 31.70 -32.38 -26.18
N THR B 290 32.57 -31.70 -26.91
CA THR B 290 32.26 -30.36 -27.41
C THR B 290 31.19 -30.45 -28.50
N ARG B 291 31.47 -31.27 -29.51
CA ARG B 291 30.53 -31.47 -30.62
C ARG B 291 29.15 -31.75 -30.08
N TYR B 292 29.06 -32.61 -29.06
CA TYR B 292 27.79 -32.97 -28.46
C TYR B 292 27.11 -31.80 -27.82
N ASP B 293 27.91 -30.96 -27.15
CA ASP B 293 27.39 -29.79 -26.42
C ASP B 293 26.80 -28.78 -27.40
N LEU B 294 27.60 -28.41 -28.42
CA LEU B 294 27.17 -27.48 -29.46
C LEU B 294 25.86 -27.83 -30.17
N GLU B 295 25.58 -29.12 -30.35
CA GLU B 295 24.32 -29.53 -30.96
C GLU B 295 23.13 -29.32 -30.02
N MET B 296 23.37 -29.42 -28.71
CA MET B 296 22.35 -29.05 -27.71
C MET B 296 22.14 -27.54 -27.64
N MET B 297 23.14 -26.78 -28.07
CA MET B 297 23.04 -25.33 -28.15
C MET B 297 22.24 -24.80 -29.36
N ARG B 298 21.77 -25.70 -30.20
CA ARG B 298 20.80 -25.37 -31.23
C ARG B 298 19.46 -26.04 -30.88
N GLU B 299 19.48 -27.36 -30.79
CA GLU B 299 18.29 -28.19 -30.51
C GLU B 299 17.54 -27.76 -29.23
N MET B 300 18.25 -27.15 -28.29
CA MET B 300 17.66 -26.71 -27.02
C MET B 300 18.01 -25.25 -26.63
N GLY B 301 19.14 -24.71 -27.10
CA GLY B 301 19.59 -23.37 -26.67
C GLY B 301 20.42 -23.34 -25.38
N PHE B 302 20.08 -24.22 -24.42
CA PHE B 302 20.86 -24.49 -23.19
C PHE B 302 21.96 -25.56 -23.49
N SER B 303 22.62 -26.05 -22.45
CA SER B 303 23.69 -27.03 -22.61
C SER B 303 24.15 -27.51 -21.25
N SER B 304 24.61 -28.76 -21.20
CA SER B 304 25.23 -29.31 -20.00
C SER B 304 26.57 -28.61 -19.81
N GLY B 305 26.85 -28.23 -18.57
CA GLY B 305 28.11 -27.58 -18.27
C GLY B 305 28.33 -26.39 -19.17
N ILE B 306 27.27 -25.61 -19.32
CA ILE B 306 27.28 -24.44 -20.21
C ILE B 306 28.31 -23.41 -19.75
N GLU B 307 28.48 -23.36 -18.44
CA GLU B 307 29.37 -22.42 -17.83
C GLU B 307 30.80 -22.42 -18.35
N ASN B 308 31.25 -23.48 -19.02
CA ASN B 308 32.65 -23.55 -19.55
C ASN B 308 32.82 -22.70 -20.81
N TYR B 309 31.70 -22.43 -21.46
CA TYR B 309 31.63 -21.62 -22.67
C TYR B 309 31.13 -20.20 -22.37
N SER B 310 31.24 -19.78 -21.10
CA SER B 310 30.68 -18.50 -20.65
C SER B 310 31.34 -17.26 -21.31
N ARG B 311 32.66 -17.31 -21.48
CA ARG B 311 33.40 -16.20 -22.05
C ARG B 311 33.12 -16.03 -23.54
N HIS B 312 32.98 -17.13 -24.27
CA HIS B 312 32.57 -17.11 -25.70
C HIS B 312 31.15 -16.62 -25.84
N LEU B 313 30.28 -17.09 -24.97
CA LEU B 313 28.86 -16.75 -25.03
C LEU B 313 28.56 -15.26 -24.76
N ALA B 314 29.55 -14.53 -24.23
CA ALA B 314 29.40 -13.11 -23.93
C ALA B 314 30.26 -12.23 -24.85
N LEU B 315 30.72 -12.81 -25.93
CA LEU B 315 31.56 -12.11 -26.92
C LEU B 315 32.69 -11.31 -26.26
N ARG B 316 33.13 -11.73 -25.07
CA ARG B 316 34.16 -10.99 -24.36
C ARG B 316 35.49 -11.55 -24.77
N PRO B 317 36.56 -10.73 -24.78
CA PRO B 317 37.88 -11.18 -25.27
C PRO B 317 38.51 -12.25 -24.39
N PRO B 318 39.58 -12.91 -24.87
CA PRO B 318 40.19 -13.97 -24.07
C PRO B 318 41.00 -13.38 -22.91
N GLY B 319 40.98 -14.07 -21.77
CA GLY B 319 41.64 -13.61 -20.52
C GLY B 319 40.88 -12.57 -19.68
N SER B 320 39.70 -12.14 -20.15
CA SER B 320 38.89 -11.14 -19.47
C SER B 320 38.69 -11.55 -18.03
N THR B 321 38.84 -10.57 -17.13
CA THR B 321 38.41 -10.70 -15.74
C THR B 321 36.90 -10.79 -15.71
N PRO B 322 36.35 -11.69 -14.90
CA PRO B 322 34.89 -11.84 -14.84
C PRO B 322 34.15 -10.75 -14.05
N TYR B 323 32.88 -10.59 -14.38
CA TYR B 323 31.99 -9.76 -13.63
C TYR B 323 31.60 -10.50 -12.34
N THR B 324 31.64 -9.79 -11.23
CA THR B 324 31.28 -10.34 -9.93
C THR B 324 30.39 -9.39 -9.16
N LEU B 325 29.80 -9.89 -8.08
CA LEU B 325 29.00 -9.06 -7.14
C LEU B 325 29.60 -7.68 -6.86
N LEU B 326 30.92 -7.61 -6.73
CA LEU B 326 31.61 -6.33 -6.45
C LEU B 326 31.37 -5.26 -7.51
N ASP B 327 31.12 -5.69 -8.75
CA ASP B 327 30.87 -4.77 -9.86
C ASP B 327 29.43 -4.28 -9.84
N TYR B 328 28.58 -5.00 -9.09
CA TYR B 328 27.19 -4.56 -8.81
C TYR B 328 27.12 -3.47 -7.70
N PHE B 329 28.18 -3.32 -6.92
CA PHE B 329 28.23 -2.30 -5.91
C PHE B 329 28.68 -1.00 -6.54
N PRO B 330 28.04 0.13 -6.15
CA PRO B 330 28.44 1.48 -6.55
C PRO B 330 29.91 1.79 -6.36
N ASP B 331 30.43 2.72 -7.14
CA ASP B 331 31.89 3.00 -7.16
C ASP B 331 32.48 3.31 -5.78
N ASP B 332 31.68 3.91 -4.90
CA ASP B 332 32.09 4.09 -3.50
C ASP B 332 31.23 3.19 -2.62
N PHE B 333 31.80 2.05 -2.27
CA PHE B 333 31.12 1.09 -1.43
C PHE B 333 32.15 0.70 -0.40
N LEU B 334 31.72 -0.07 0.58
CA LEU B 334 32.62 -0.44 1.66
C LEU B 334 32.69 -1.95 1.84
N ILE B 335 33.90 -2.46 1.94
CA ILE B 335 34.03 -3.86 2.28
C ILE B 335 34.46 -4.02 3.73
N ILE B 336 33.70 -4.81 4.48
CA ILE B 336 34.19 -5.33 5.76
C ILE B 336 34.65 -6.79 5.58
N VAL B 337 35.81 -7.15 6.11
CA VAL B 337 36.26 -8.53 6.07
C VAL B 337 36.33 -9.13 7.49
N ASP B 338 35.29 -9.86 7.87
CA ASP B 338 35.23 -10.54 9.14
C ASP B 338 36.30 -11.63 9.21
N GLU B 339 36.96 -11.76 10.34
CA GLU B 339 38.04 -12.72 10.56
C GLU B 339 39.02 -12.65 9.39
N SER B 340 39.53 -11.45 9.15
CA SER B 340 40.40 -11.17 8.03
C SER B 340 41.57 -12.16 7.89
N HIS B 341 42.11 -12.60 9.03
CA HIS B 341 43.24 -13.57 9.09
C HIS B 341 42.95 -14.90 8.50
N VAL B 342 41.68 -15.21 8.31
CA VAL B 342 41.30 -16.42 7.65
C VAL B 342 40.62 -16.17 6.31
N THR B 343 39.69 -15.24 6.28
CA THR B 343 38.95 -14.98 5.06
C THR B 343 39.85 -14.61 3.87
N LEU B 344 40.90 -13.84 4.09
CA LEU B 344 41.77 -13.44 2.97
C LEU B 344 42.52 -14.62 2.34
N PRO B 345 43.22 -15.40 3.16
CA PRO B 345 43.82 -16.61 2.59
C PRO B 345 42.80 -17.45 1.79
N GLN B 346 41.62 -17.67 2.37
CA GLN B 346 40.58 -18.47 1.76
C GLN B 346 40.22 -17.81 0.45
N LEU B 347 40.05 -16.52 0.50
CA LEU B 347 39.80 -15.77 -0.72
C LEU B 347 40.89 -15.94 -1.77
N ARG B 348 42.15 -15.76 -1.38
CA ARG B 348 43.29 -15.87 -2.34
C ARG B 348 43.33 -17.18 -3.08
N GLY B 349 43.07 -18.24 -2.33
CA GLY B 349 43.20 -19.59 -2.79
C GLY B 349 42.00 -20.12 -3.55
N MET B 350 40.99 -19.31 -3.82
CA MET B 350 39.82 -19.82 -4.56
C MET B 350 40.21 -20.07 -6.01
N TYR B 351 40.82 -19.06 -6.62
CA TYR B 351 41.32 -19.17 -8.00
C TYR B 351 42.37 -20.27 -8.11
N ASN B 352 43.31 -20.28 -7.19
CA ASN B 352 44.36 -21.29 -7.27
C ASN B 352 43.76 -22.67 -7.55
N GLY B 353 42.80 -23.09 -6.74
CA GLY B 353 42.17 -24.40 -6.89
C GLY B 353 41.33 -24.57 -8.16
N ASP B 354 40.61 -23.50 -8.52
CA ASP B 354 39.78 -23.52 -9.72
C ASP B 354 40.63 -23.62 -10.98
N ARG B 355 41.68 -22.81 -11.07
CA ARG B 355 42.63 -22.92 -12.18
C ARG B 355 43.37 -24.28 -12.24
N ALA B 356 43.85 -24.77 -11.11
CA ALA B 356 44.43 -26.10 -11.08
C ALA B 356 43.48 -27.16 -11.64
N ARG B 357 42.21 -27.10 -11.29
CA ARG B 357 41.28 -28.13 -11.73
C ARG B 357 41.02 -28.01 -13.21
N LYS B 358 40.89 -26.80 -13.72
CA LYS B 358 40.57 -26.59 -15.11
C LYS B 358 41.76 -26.78 -16.06
N GLN B 359 43.00 -26.58 -15.60
CA GLN B 359 44.18 -26.76 -16.49
C GLN B 359 44.34 -28.22 -16.83
N VAL B 360 44.10 -29.05 -15.81
CA VAL B 360 44.16 -30.47 -15.97
C VAL B 360 43.06 -30.90 -16.92
N LEU B 361 41.87 -30.38 -16.76
CA LEU B 361 40.80 -30.71 -17.66
C LEU B 361 41.20 -30.32 -19.07
N VAL B 362 41.72 -29.12 -19.25
CA VAL B 362 42.13 -28.69 -20.58
C VAL B 362 43.28 -29.56 -21.14
N ASP B 363 44.19 -29.97 -20.26
CA ASP B 363 45.36 -30.76 -20.64
C ASP B 363 45.05 -32.18 -21.10
N HIS B 364 43.88 -32.68 -20.74
CA HIS B 364 43.45 -33.98 -21.19
C HIS B 364 42.25 -33.90 -22.13
N GLY B 365 41.98 -32.71 -22.62
CA GLY B 365 40.96 -32.52 -23.62
C GLY B 365 39.56 -32.83 -23.18
N PHE B 366 39.25 -32.63 -21.90
CA PHE B 366 37.84 -32.65 -21.45
C PHE B 366 37.13 -31.33 -21.68
N ARG B 367 37.91 -30.26 -21.76
CA ARG B 367 37.41 -28.91 -22.04
C ARG B 367 38.41 -28.12 -22.88
N LEU B 368 37.91 -27.03 -23.46
CA LEU B 368 38.71 -26.10 -24.26
C LEU B 368 39.37 -25.11 -23.34
N PRO B 369 40.54 -24.59 -23.72
CA PRO B 369 41.26 -23.56 -22.94
C PRO B 369 40.44 -22.31 -22.54
N SER B 370 39.44 -21.97 -23.34
CA SER B 370 38.49 -20.92 -22.98
C SER B 370 37.71 -21.18 -21.68
N ALA B 371 37.71 -22.41 -21.19
CA ALA B 371 37.05 -22.72 -19.93
C ALA B 371 37.81 -22.16 -18.71
N LEU B 372 39.11 -21.91 -18.89
CA LEU B 372 39.91 -21.27 -17.87
C LEU B 372 39.46 -19.84 -17.57
N ASP B 373 38.69 -19.24 -18.47
CA ASP B 373 38.16 -17.90 -18.28
C ASP B 373 36.81 -17.82 -17.59
N ASN B 374 36.13 -18.95 -17.44
CA ASN B 374 35.04 -19.06 -16.47
C ASN B 374 35.66 -19.36 -15.12
N ARG B 375 35.75 -18.37 -14.25
CA ARG B 375 36.54 -18.48 -13.00
C ARG B 375 36.20 -17.37 -12.00
N PRO B 376 36.69 -17.50 -10.73
CA PRO B 376 36.66 -16.41 -9.77
C PRO B 376 37.86 -15.49 -9.91
N LEU B 377 37.83 -14.37 -9.22
CA LEU B 377 38.90 -13.39 -9.30
C LEU B 377 40.17 -13.93 -8.68
N THR B 378 41.31 -13.51 -9.23
CA THR B 378 42.57 -13.67 -8.54
C THR B 378 42.55 -12.62 -7.44
N PHE B 379 43.38 -12.83 -6.42
CA PHE B 379 43.47 -11.89 -5.31
C PHE B 379 43.82 -10.50 -5.87
N GLU B 380 44.83 -10.47 -6.73
CA GLU B 380 45.29 -9.23 -7.34
C GLU B 380 44.13 -8.50 -8.00
N GLU B 381 43.19 -9.24 -8.58
CA GLU B 381 42.01 -8.62 -9.19
C GLU B 381 41.03 -8.10 -8.16
N PHE B 382 40.91 -8.83 -7.07
CA PHE B 382 40.06 -8.42 -5.97
C PHE B 382 40.58 -7.12 -5.37
N GLU B 383 41.88 -6.96 -5.31
CA GLU B 383 42.48 -5.73 -4.80
C GLU B 383 42.08 -4.55 -5.66
N GLN B 384 42.02 -4.77 -6.96
CA GLN B 384 41.68 -3.72 -7.88
C GLN B 384 40.25 -3.27 -7.67
N LYS B 385 39.37 -4.14 -7.22
CA LYS B 385 37.96 -3.79 -7.12
C LYS B 385 37.64 -3.00 -5.84
N ILE B 386 38.56 -3.05 -4.90
CA ILE B 386 38.36 -2.41 -3.61
C ILE B 386 38.32 -0.89 -3.73
N ASN B 387 37.19 -0.32 -3.31
CA ASN B 387 37.13 1.10 -3.03
C ASN B 387 37.83 1.33 -1.69
N GLN B 388 37.17 0.91 -0.62
CA GLN B 388 37.72 1.03 0.71
C GLN B 388 37.35 -0.18 1.51
N ILE B 389 38.29 -0.56 2.37
CA ILE B 389 38.16 -1.79 3.08
C ILE B 389 38.62 -1.67 4.54
N ILE B 390 37.84 -2.32 5.42
CA ILE B 390 38.22 -2.49 6.81
C ILE B 390 38.27 -3.95 7.15
N TYR B 391 39.43 -4.40 7.65
CA TYR B 391 39.64 -5.77 8.14
C TYR B 391 39.31 -5.87 9.63
N VAL B 392 38.52 -6.86 10.01
CA VAL B 392 38.14 -7.07 11.40
C VAL B 392 38.70 -8.42 11.87
N SER B 393 39.45 -8.44 12.98
CA SER B 393 39.96 -9.70 13.57
C SER B 393 40.70 -9.53 14.90
N ALA B 394 40.58 -10.53 15.76
CA ALA B 394 41.30 -10.50 17.04
C ALA B 394 42.77 -10.73 16.81
N THR B 395 43.14 -11.31 15.66
CA THR B 395 44.50 -11.72 15.35
C THR B 395 44.88 -11.45 13.89
N PRO B 396 44.88 -10.17 13.47
CA PRO B 396 45.05 -9.79 12.06
C PRO B 396 46.30 -10.33 11.37
N GLY B 397 46.13 -10.82 10.13
CA GLY B 397 47.23 -11.38 9.34
C GLY B 397 48.20 -10.35 8.77
N PRO B 398 49.35 -10.81 8.26
CA PRO B 398 50.41 -9.91 7.78
C PRO B 398 49.93 -8.95 6.71
N TYR B 399 49.07 -9.42 5.80
CA TYR B 399 48.55 -8.60 4.73
C TYR B 399 47.81 -7.37 5.24
N GLU B 400 47.00 -7.57 6.27
CA GLU B 400 46.21 -6.49 6.85
C GLU B 400 47.11 -5.48 7.53
N LEU B 401 48.11 -5.97 8.25
CA LEU B 401 49.05 -5.11 8.99
C LEU B 401 49.88 -4.30 8.02
N GLU B 402 50.46 -5.01 7.07
CA GLU B 402 51.28 -4.41 6.07
C GLU B 402 50.55 -3.34 5.26
N HIS B 403 49.23 -3.47 5.07
CA HIS B 403 48.51 -2.54 4.17
C HIS B 403 47.69 -1.47 4.87
N SER B 404 47.46 -1.66 6.15
CA SER B 404 46.78 -0.66 6.95
C SER B 404 47.83 0.25 7.59
N PRO B 405 47.51 1.54 7.82
CA PRO B 405 48.37 2.43 8.61
C PRO B 405 48.21 2.19 10.13
N GLY B 406 48.95 1.22 10.63
CA GLY B 406 48.80 0.77 11.99
C GLY B 406 47.41 0.17 12.13
N VAL B 407 46.96 0.03 13.37
CA VAL B 407 45.69 -0.61 13.62
C VAL B 407 44.84 0.22 14.57
N VAL B 408 43.52 0.06 14.47
CA VAL B 408 42.59 0.60 15.43
C VAL B 408 42.29 -0.52 16.44
N GLU B 409 42.66 -0.33 17.70
CA GLU B 409 42.57 -1.38 18.71
C GLU B 409 41.30 -1.26 19.54
N GLN B 410 40.72 -2.37 19.95
CA GLN B 410 39.47 -2.34 20.70
C GLN B 410 39.52 -3.52 21.66
N ILE B 411 40.01 -3.27 22.86
CA ILE B 411 40.25 -4.37 23.79
C ILE B 411 39.32 -4.35 24.98
N ILE B 412 38.87 -3.16 25.39
CA ILE B 412 37.91 -3.06 26.47
C ILE B 412 36.51 -3.50 26.01
N ARG B 413 35.95 -4.42 26.77
CA ARG B 413 34.63 -4.93 26.49
C ARG B 413 33.54 -3.97 27.01
N PRO B 414 32.28 -4.15 26.56
CA PRO B 414 31.18 -3.45 27.21
C PRO B 414 30.93 -3.97 28.63
N THR B 415 30.91 -5.28 28.82
CA THR B 415 30.67 -5.87 30.15
C THR B 415 31.89 -5.83 31.06
N GLY B 416 32.99 -5.27 30.56
CA GLY B 416 34.24 -5.12 31.32
C GLY B 416 34.95 -6.41 31.70
N LEU B 417 34.71 -7.49 30.96
CA LEU B 417 35.26 -8.82 31.25
C LEU B 417 36.73 -8.90 30.88
N LEU B 418 37.46 -9.75 31.62
CA LEU B 418 38.91 -9.79 31.58
C LEU B 418 39.45 -10.92 30.74
N ASP B 419 40.58 -10.69 30.09
CA ASP B 419 41.27 -11.75 29.36
C ASP B 419 41.83 -12.68 30.40
N PRO B 420 41.81 -13.99 30.11
CA PRO B 420 42.13 -14.94 31.15
C PRO B 420 43.59 -14.92 31.61
N THR B 421 43.80 -15.53 32.78
CA THR B 421 45.11 -15.79 33.33
C THR B 421 45.61 -17.08 32.72
N ILE B 422 46.89 -17.08 32.35
CA ILE B 422 47.54 -18.26 31.74
C ILE B 422 48.62 -18.93 32.62
N ASP B 423 48.39 -20.19 33.01
CA ASP B 423 49.45 -21.05 33.59
C ASP B 423 50.10 -21.88 32.50
N VAL B 424 51.36 -22.25 32.71
CA VAL B 424 52.06 -23.26 31.93
C VAL B 424 52.54 -24.37 32.84
N ARG B 425 52.26 -25.61 32.48
CA ARG B 425 52.60 -26.73 33.34
C ARG B 425 53.30 -27.85 32.57
N PRO B 426 54.14 -28.63 33.25
CA PRO B 426 54.88 -29.67 32.54
C PRO B 426 53.95 -30.74 32.03
N THR B 427 54.40 -31.46 31.01
CA THR B 427 53.59 -32.49 30.37
C THR B 427 53.43 -33.69 31.28
N LYS B 428 54.44 -33.96 32.09
CA LYS B 428 54.32 -35.08 33.01
C LYS B 428 53.08 -34.86 33.83
N GLY B 429 52.29 -35.91 34.04
CA GLY B 429 51.11 -35.83 34.93
C GLY B 429 49.99 -34.89 34.49
N GLN B 430 50.10 -34.36 33.29
CA GLN B 430 49.15 -33.38 32.79
C GLN B 430 47.72 -33.91 32.89
N ILE B 431 47.49 -35.11 32.41
CA ILE B 431 46.12 -35.60 32.31
C ILE B 431 45.49 -35.70 33.70
N ASP B 432 46.27 -36.14 34.66
CA ASP B 432 45.78 -36.15 36.03
C ASP B 432 45.65 -34.69 36.53
N ASP B 433 46.65 -33.86 36.28
CA ASP B 433 46.56 -32.44 36.62
C ASP B 433 45.24 -31.85 36.09
N LEU B 434 45.03 -32.03 34.79
CA LEU B 434 43.85 -31.59 34.08
C LEU B 434 42.59 -32.08 34.77
N ILE B 435 42.48 -33.38 35.00
CA ILE B 435 41.29 -33.95 35.63
C ILE B 435 40.98 -33.25 36.97
N GLY B 436 42.02 -32.97 37.74
CA GLY B 436 41.83 -32.38 39.06
C GLY B 436 41.21 -31.02 38.87
N GLU B 437 41.83 -30.27 37.98
CA GLU B 437 41.42 -28.92 37.62
C GLU B 437 40.00 -28.93 37.03
N ILE B 438 39.70 -29.92 36.22
CA ILE B 438 38.35 -30.11 35.67
C ILE B 438 37.30 -30.33 36.74
N ARG B 439 37.62 -31.07 37.78
CA ARG B 439 36.62 -31.46 38.79
C ARG B 439 36.23 -30.30 39.71
N GLU B 440 37.18 -29.42 39.97
CA GLU B 440 36.89 -28.23 40.75
C GLU B 440 35.98 -27.25 39.99
N ARG B 441 36.07 -27.24 38.66
CA ARG B 441 35.16 -26.46 37.81
C ARG B 441 33.76 -27.05 37.86
N VAL B 442 33.66 -28.37 37.91
CA VAL B 442 32.35 -29.01 38.00
C VAL B 442 31.66 -28.58 39.29
N GLU B 443 32.42 -28.55 40.38
CA GLU B 443 31.92 -28.07 41.66
C GLU B 443 31.30 -26.71 41.54
N ARG B 444 31.99 -25.82 40.85
CA ARG B 444 31.53 -24.45 40.63
C ARG B 444 30.46 -24.31 39.53
N ASN B 445 29.99 -25.42 38.96
CA ASN B 445 29.16 -25.40 37.77
C ASN B 445 29.78 -24.56 36.67
N GLU B 446 31.00 -24.90 36.29
CA GLU B 446 31.70 -24.18 35.24
C GLU B 446 32.22 -25.22 34.30
N ARG B 447 32.10 -24.94 33.00
CA ARG B 447 32.49 -25.88 31.95
C ARG B 447 33.96 -25.72 31.60
N THR B 448 34.47 -26.70 30.86
CA THR B 448 35.88 -26.73 30.42
C THR B 448 36.04 -27.13 28.96
N LEU B 449 36.97 -26.48 28.29
CA LEU B 449 37.35 -26.89 26.95
C LEU B 449 38.79 -27.38 26.94
N VAL B 450 39.08 -28.31 26.04
CA VAL B 450 40.40 -28.90 25.89
C VAL B 450 40.70 -29.07 24.42
N THR B 451 41.91 -28.73 24.00
CA THR B 451 42.34 -29.01 22.60
C THR B 451 43.56 -29.94 22.47
N THR B 452 43.52 -30.80 21.46
CA THR B 452 44.55 -31.76 21.15
C THR B 452 44.90 -31.52 19.69
N LEU B 453 45.70 -32.41 19.10
CA LEU B 453 46.31 -32.15 17.79
C LEU B 453 45.74 -32.95 16.63
N THR B 454 44.92 -33.95 16.93
CA THR B 454 44.32 -34.79 15.89
C THR B 454 43.00 -35.33 16.38
N LYS B 455 42.20 -35.76 15.42
CA LYS B 455 40.92 -36.38 15.74
C LYS B 455 41.12 -37.59 16.64
N LYS B 456 42.08 -38.43 16.26
CA LYS B 456 42.37 -39.67 16.98
C LYS B 456 42.65 -39.37 18.46
N MET B 457 43.47 -38.36 18.70
CA MET B 457 43.84 -38.03 20.07
C MET B 457 42.68 -37.49 20.86
N ALA B 458 41.77 -36.80 20.19
CA ALA B 458 40.59 -36.22 20.85
C ALA B 458 39.65 -37.35 21.29
N GLU B 459 39.36 -38.25 20.36
CA GLU B 459 38.51 -39.40 20.64
C GLU B 459 39.06 -40.24 21.79
N ASP B 460 40.36 -40.49 21.74
CA ASP B 460 41.02 -41.21 22.81
C ASP B 460 40.91 -40.48 24.14
N LEU B 461 41.30 -39.22 24.16
CA LEU B 461 41.26 -38.45 25.40
C LEU B 461 39.87 -38.42 26.00
N THR B 462 38.85 -38.39 25.13
CA THR B 462 37.46 -38.34 25.57
C THR B 462 37.11 -39.61 26.31
N ASP B 463 37.44 -40.74 25.70
CA ASP B 463 37.19 -42.03 26.32
C ASP B 463 37.91 -42.18 27.67
N TYR B 464 39.12 -41.66 27.75
CA TYR B 464 39.88 -41.70 28.97
C TYR B 464 39.19 -40.85 30.06
N LEU B 465 38.56 -39.76 29.63
CA LEU B 465 37.82 -38.89 30.54
C LEU B 465 36.48 -39.48 30.96
N LYS B 466 35.77 -40.12 30.04
CA LYS B 466 34.57 -40.86 30.44
C LYS B 466 34.89 -41.80 31.60
N GLU B 467 35.96 -42.57 31.43
CA GLU B 467 36.34 -43.62 32.35
C GLU B 467 36.89 -43.07 33.65
N ALA B 468 37.26 -41.78 33.61
CA ALA B 468 37.57 -41.02 34.83
C ALA B 468 36.32 -40.49 35.51
N GLY B 469 35.15 -40.89 35.00
CA GLY B 469 33.86 -40.46 35.55
C GLY B 469 33.57 -38.99 35.29
N ILE B 470 33.80 -38.55 34.06
CA ILE B 470 33.62 -37.16 33.64
C ILE B 470 32.71 -37.09 32.43
N LYS B 471 31.79 -36.13 32.49
CA LYS B 471 30.75 -35.97 31.48
C LYS B 471 31.33 -35.19 30.30
N VAL B 472 31.48 -35.85 29.16
CA VAL B 472 32.29 -35.27 28.09
C VAL B 472 31.83 -35.70 26.72
N ALA B 473 32.13 -34.85 25.73
CA ALA B 473 31.96 -35.16 24.31
C ALA B 473 33.11 -34.55 23.51
N TYR B 474 33.36 -35.14 22.36
CA TYR B 474 34.36 -34.60 21.43
C TYR B 474 33.68 -33.79 20.31
N LEU B 475 34.40 -32.85 19.76
CA LEU B 475 33.91 -32.04 18.68
C LEU B 475 34.97 -31.79 17.64
N HIS B 476 34.83 -32.49 16.51
CA HIS B 476 35.63 -32.20 15.34
C HIS B 476 34.85 -32.34 14.03
N SER B 477 35.50 -31.99 12.92
CA SER B 477 34.89 -31.81 11.63
C SER B 477 34.14 -32.99 11.03
N GLU B 478 34.40 -34.20 11.47
CA GLU B 478 33.61 -35.33 11.00
C GLU B 478 32.16 -35.26 11.47
N ILE B 479 31.94 -34.61 12.60
CA ILE B 479 30.59 -34.36 13.08
C ILE B 479 29.86 -33.34 12.19
N LYS B 480 28.59 -33.60 11.91
CA LYS B 480 27.78 -32.82 10.97
C LYS B 480 27.16 -31.59 11.64
N THR B 481 27.06 -30.49 10.89
CA THR B 481 26.65 -29.17 11.40
C THR B 481 25.49 -29.15 12.40
N LEU B 482 24.45 -29.94 12.13
CA LEU B 482 23.31 -30.04 13.06
C LEU B 482 23.70 -30.71 14.37
N GLU B 483 24.51 -31.76 14.29
CA GLU B 483 24.95 -32.48 15.48
C GLU B 483 25.87 -31.64 16.39
N ARG B 484 26.64 -30.73 15.79
CA ARG B 484 27.50 -29.81 16.57
C ARG B 484 26.67 -28.89 17.45
N ILE B 485 25.53 -28.42 16.92
CA ILE B 485 24.68 -27.49 17.66
C ILE B 485 24.15 -28.18 18.91
N GLU B 486 23.74 -29.43 18.77
CA GLU B 486 23.29 -30.22 19.91
C GLU B 486 24.41 -30.31 20.96
N ILE B 487 25.60 -30.70 20.51
CA ILE B 487 26.70 -30.94 21.43
C ILE B 487 27.02 -29.70 22.21
N ILE B 488 27.19 -28.59 21.49
CA ILE B 488 27.44 -27.30 22.11
C ILE B 488 26.31 -26.89 23.04
N ARG B 489 25.06 -27.06 22.57
CA ARG B 489 23.88 -26.80 23.40
C ARG B 489 23.99 -27.57 24.71
N ASP B 490 24.30 -28.86 24.58
CA ASP B 490 24.34 -29.78 25.73
C ASP B 490 25.51 -29.48 26.67
N LEU B 491 26.53 -28.80 26.17
CA LEU B 491 27.60 -28.34 27.05
C LEU B 491 27.10 -27.21 27.94
N ARG B 492 26.38 -26.27 27.33
CA ARG B 492 25.86 -25.11 28.06
C ARG B 492 24.83 -25.54 29.10
N LEU B 493 23.88 -26.36 28.68
CA LEU B 493 22.93 -26.96 29.60
C LEU B 493 23.63 -27.69 30.76
N GLY B 494 24.77 -28.31 30.49
CA GLY B 494 25.50 -29.05 31.52
C GLY B 494 25.33 -30.55 31.51
N LYS B 495 24.88 -31.09 30.38
CA LYS B 495 24.85 -32.53 30.17
C LYS B 495 26.30 -33.06 30.04
N TYR B 496 27.07 -32.34 29.23
CA TYR B 496 28.53 -32.48 29.17
C TYR B 496 29.11 -31.40 30.06
N ASP B 497 30.18 -31.73 30.78
CA ASP B 497 30.97 -30.75 31.54
C ASP B 497 32.24 -30.30 30.82
N VAL B 498 32.73 -31.16 29.93
CA VAL B 498 33.95 -30.93 29.18
C VAL B 498 33.67 -31.11 27.69
N LEU B 499 34.38 -30.36 26.87
CA LEU B 499 34.40 -30.58 25.43
C LEU B 499 35.86 -30.71 24.92
N VAL B 500 36.09 -31.67 24.04
CA VAL B 500 37.42 -31.89 23.51
C VAL B 500 37.42 -31.77 22.02
N GLY B 501 38.22 -30.85 21.52
CA GLY B 501 38.24 -30.57 20.09
C GLY B 501 39.66 -30.35 19.60
N ILE B 502 39.79 -29.87 18.38
CA ILE B 502 41.08 -29.59 17.81
C ILE B 502 41.07 -28.17 17.32
N ASN B 503 40.34 -27.88 16.26
CA ASN B 503 40.40 -26.55 15.63
C ASN B 503 39.03 -25.93 15.31
N LEU B 504 38.01 -26.37 16.04
CA LEU B 504 36.67 -25.82 15.98
C LEU B 504 36.36 -25.02 17.22
N LEU B 505 37.30 -24.94 18.17
CA LEU B 505 37.05 -24.29 19.46
C LEU B 505 37.67 -22.89 19.51
N ARG B 506 37.46 -22.13 18.45
CA ARG B 506 38.08 -20.82 18.33
C ARG B 506 37.12 -19.72 17.82
N GLU B 507 37.28 -19.27 16.58
CA GLU B 507 36.61 -18.08 16.07
C GLU B 507 35.10 -18.21 16.25
N GLY B 508 34.52 -17.21 16.90
CA GLY B 508 33.08 -17.09 17.00
C GLY B 508 32.41 -18.12 17.84
N LEU B 509 33.16 -18.71 18.77
CA LEU B 509 32.58 -19.66 19.70
C LEU B 509 32.39 -18.97 21.06
N ASP B 510 31.17 -18.46 21.23
CA ASP B 510 30.80 -17.70 22.41
C ASP B 510 30.14 -18.70 23.35
N ILE B 511 30.81 -19.09 24.42
CA ILE B 511 30.25 -19.99 25.45
C ILE B 511 30.68 -19.50 26.83
N PRO B 512 29.81 -18.77 27.53
CA PRO B 512 30.24 -18.11 28.77
C PRO B 512 30.26 -19.01 30.02
N GLU B 513 29.60 -20.16 29.95
CA GLU B 513 29.68 -21.13 31.04
C GLU B 513 31.08 -21.72 31.16
N VAL B 514 31.88 -21.59 30.10
CA VAL B 514 33.24 -22.12 30.05
C VAL B 514 34.19 -21.18 30.77
N SER B 515 34.75 -21.67 31.89
CA SER B 515 35.73 -20.94 32.70
C SER B 515 37.18 -21.42 32.53
N LEU B 516 37.36 -22.60 31.94
CA LEU B 516 38.69 -23.20 31.75
C LEU B 516 38.94 -23.67 30.36
N VAL B 517 40.02 -23.18 29.78
CA VAL B 517 40.52 -23.72 28.55
C VAL B 517 41.86 -24.37 28.82
N ALA B 518 42.04 -25.61 28.34
CA ALA B 518 43.29 -26.36 28.51
C ALA B 518 43.85 -26.71 27.16
N ILE B 519 45.08 -26.29 26.89
CA ILE B 519 45.70 -26.51 25.59
C ILE B 519 46.83 -27.53 25.71
N LEU B 520 46.56 -28.75 25.29
CA LEU B 520 47.55 -29.80 25.35
C LEU B 520 48.56 -29.60 24.23
N ASP B 521 49.78 -30.09 24.46
CA ASP B 521 50.86 -30.05 23.49
C ASP B 521 50.98 -28.63 22.90
N ALA B 522 51.12 -27.67 23.78
CA ALA B 522 51.14 -26.25 23.40
C ALA B 522 52.43 -25.83 22.68
N ASP B 523 53.47 -26.64 22.88
CA ASP B 523 54.78 -26.38 22.30
C ASP B 523 54.99 -27.20 21.06
N LYS B 524 53.98 -27.97 20.66
CA LYS B 524 54.07 -28.73 19.42
C LYS B 524 53.89 -27.76 18.25
N GLU B 525 55.00 -27.19 17.79
CA GLU B 525 54.96 -26.10 16.83
C GLU B 525 54.13 -26.49 15.63
N GLY B 526 53.45 -25.52 15.02
CA GLY B 526 52.65 -25.75 13.82
C GLY B 526 51.37 -24.92 13.75
N PHE B 527 50.54 -25.23 12.76
CA PHE B 527 49.35 -24.41 12.50
C PHE B 527 48.38 -24.37 13.69
N LEU B 528 48.28 -25.46 14.46
CA LEU B 528 47.37 -25.50 15.60
C LEU B 528 47.94 -24.81 16.81
N ARG B 529 49.25 -24.59 16.83
CA ARG B 529 49.85 -23.90 17.93
C ARG B 529 50.57 -22.60 17.54
N SER B 530 50.15 -21.95 16.45
CA SER B 530 50.77 -20.69 16.02
C SER B 530 50.27 -19.61 16.94
N GLU B 531 50.86 -18.43 16.90
CA GLU B 531 50.43 -17.40 17.84
C GLU B 531 48.95 -17.07 17.61
N ARG B 532 48.54 -17.03 16.34
CA ARG B 532 47.15 -16.68 16.02
C ARG B 532 46.18 -17.78 16.54
N SER B 533 46.59 -19.03 16.42
CA SER B 533 45.78 -20.16 16.85
C SER B 533 45.60 -20.11 18.37
N LEU B 534 46.66 -19.70 19.05
CA LEU B 534 46.62 -19.71 20.51
C LEU B 534 45.71 -18.61 21.02
N ILE B 535 45.94 -17.39 20.53
CA ILE B 535 45.15 -16.26 20.95
C ILE B 535 43.66 -16.56 20.76
N GLN B 536 43.32 -17.10 19.61
CA GLN B 536 41.94 -17.38 19.33
C GLN B 536 41.40 -18.42 20.30
N THR B 537 42.18 -19.42 20.64
CA THR B 537 41.69 -20.41 21.57
C THR B 537 41.64 -19.88 23.00
N ILE B 538 42.61 -19.06 23.36
CA ILE B 538 42.67 -18.47 24.70
C ILE B 538 41.41 -17.66 24.97
N GLY B 539 40.98 -16.91 23.98
CA GLY B 539 39.78 -16.07 24.08
C GLY B 539 38.45 -16.77 24.42
N ARG B 540 38.39 -18.08 24.25
CA ARG B 540 37.16 -18.78 24.59
C ARG B 540 36.91 -18.77 26.10
N ALA B 541 37.97 -18.49 26.83
CA ALA B 541 37.90 -18.26 28.28
C ALA B 541 37.53 -16.84 28.71
N ALA B 542 37.39 -15.92 27.76
CA ALA B 542 37.19 -14.51 28.07
C ALA B 542 35.74 -14.12 28.28
N ARG B 543 34.81 -15.05 28.14
CA ARG B 543 33.41 -14.77 28.46
C ARG B 543 32.97 -15.26 29.86
N ASN B 544 33.91 -15.27 30.81
CA ASN B 544 33.66 -15.70 32.19
C ASN B 544 34.58 -15.02 33.17
N ALA B 545 34.04 -14.60 34.32
CA ALA B 545 34.79 -13.80 35.27
C ALA B 545 35.89 -14.59 35.98
N ASN B 546 35.93 -15.91 35.78
CA ASN B 546 37.03 -16.78 36.25
C ASN B 546 37.92 -17.36 35.15
N GLY B 547 37.74 -16.84 33.94
CA GLY B 547 38.43 -17.35 32.79
C GLY B 547 39.90 -17.64 33.05
N HIS B 548 40.31 -18.86 32.70
CA HIS B 548 41.69 -19.30 32.89
C HIS B 548 42.14 -20.28 31.81
N VAL B 549 43.41 -20.15 31.44
CA VAL B 549 44.03 -20.98 30.44
C VAL B 549 45.23 -21.72 31.04
N ILE B 550 45.28 -23.04 30.81
CA ILE B 550 46.44 -23.86 31.13
C ILE B 550 47.04 -24.37 29.85
N MET B 551 48.35 -24.16 29.67
CA MET B 551 49.09 -24.67 28.49
C MET B 551 50.03 -25.74 28.97
N TYR B 552 49.77 -26.98 28.56
CA TYR B 552 50.64 -28.09 28.88
C TYR B 552 51.76 -28.21 27.87
N ALA B 553 52.97 -27.95 28.35
CA ALA B 553 54.15 -27.92 27.51
C ALA B 553 55.39 -28.00 28.40
N ASP B 554 56.51 -28.35 27.80
CA ASP B 554 57.78 -28.41 28.52
C ASP B 554 58.65 -27.27 28.09
N THR B 555 58.83 -27.05 26.80
CA THR B 555 59.44 -25.80 26.37
C THR B 555 58.35 -24.73 26.28
N ILE B 556 58.77 -23.45 26.19
CA ILE B 556 57.92 -22.30 25.87
C ILE B 556 58.26 -21.79 24.46
N THR B 557 57.47 -22.15 23.46
CA THR B 557 57.69 -21.69 22.08
C THR B 557 57.64 -20.19 21.96
N LYS B 558 58.04 -19.68 20.82
CA LYS B 558 57.92 -18.27 20.54
C LYS B 558 56.43 -17.91 20.42
N SER B 559 55.64 -18.81 19.83
CA SER B 559 54.21 -18.55 19.68
C SER B 559 53.58 -18.41 21.07
N MET B 560 53.96 -19.34 21.95
CA MET B 560 53.51 -19.31 23.32
C MET B 560 53.85 -17.97 24.02
N GLU B 561 55.10 -17.51 23.85
CA GLU B 561 55.53 -16.22 24.44
C GLU B 561 54.60 -15.10 23.98
N ILE B 562 54.52 -14.89 22.67
CA ILE B 562 53.74 -13.80 22.13
C ILE B 562 52.28 -13.93 22.55
N ALA B 563 51.74 -15.14 22.51
CA ALA B 563 50.37 -15.39 22.93
C ALA B 563 50.12 -14.94 24.36
N ILE B 564 51.03 -15.28 25.26
CA ILE B 564 50.89 -14.89 26.66
C ILE B 564 51.13 -13.39 26.87
N GLN B 565 52.17 -12.85 26.26
CA GLN B 565 52.47 -11.42 26.42
C GLN B 565 51.33 -10.57 25.94
N GLU B 566 50.79 -10.93 24.78
CA GLU B 566 49.59 -10.25 24.30
C GLU B 566 48.37 -10.34 25.25
N THR B 567 48.13 -11.53 25.81
CA THR B 567 47.05 -11.71 26.77
C THR B 567 47.28 -10.89 28.05
N LYS B 568 48.48 -10.98 28.62
CA LYS B 568 48.85 -10.18 29.79
C LYS B 568 48.48 -8.70 29.59
N ARG B 569 48.93 -8.18 28.46
CA ARG B 569 48.68 -6.80 28.10
C ARG B 569 47.20 -6.46 28.06
N ARG B 570 46.42 -7.23 27.32
CA ARG B 570 44.97 -7.03 27.25
C ARG B 570 44.31 -7.10 28.64
N ARG B 571 44.82 -7.95 29.52
CA ARG B 571 44.24 -8.07 30.86
C ARG B 571 44.62 -6.85 31.72
N ALA B 572 45.89 -6.50 31.75
CA ALA B 572 46.31 -5.34 32.53
C ALA B 572 45.44 -4.10 32.17
N ILE B 573 45.26 -3.85 30.88
CA ILE B 573 44.50 -2.70 30.42
C ILE B 573 43.01 -2.78 30.81
N GLN B 574 42.42 -3.95 30.65
CA GLN B 574 41.05 -4.15 31.07
C GLN B 574 40.88 -3.96 32.57
N GLU B 575 41.90 -4.35 33.34
CA GLU B 575 41.89 -4.20 34.80
C GLU B 575 41.94 -2.75 35.21
N GLU B 576 42.80 -2.01 34.52
CA GLU B 576 42.93 -0.57 34.68
C GLU B 576 41.60 0.11 34.50
N TYR B 577 40.96 -0.18 33.37
CA TYR B 577 39.70 0.42 33.07
C TYR B 577 38.69 0.02 34.14
N ASN B 578 38.66 -1.24 34.54
CA ASN B 578 37.66 -1.67 35.53
C ASN B 578 37.83 -1.02 36.90
N ARG B 579 39.09 -0.83 37.31
CA ARG B 579 39.37 -0.23 38.62
C ARG B 579 39.16 1.29 38.57
N LYS B 580 39.52 1.90 37.45
CA LYS B 580 39.30 3.34 37.23
C LYS B 580 37.83 3.74 37.14
N HIS B 581 36.97 2.85 36.66
CA HIS B 581 35.52 3.08 36.61
C HIS B 581 34.79 2.33 37.70
N GLY B 582 35.53 1.74 38.63
CA GLY B 582 34.94 0.85 39.62
C GLY B 582 33.88 -0.07 39.03
N ILE B 583 34.34 -0.98 38.17
CA ILE B 583 33.49 -2.05 37.64
C ILE B 583 34.00 -3.37 38.18
N VAL B 584 33.06 -4.21 38.58
CA VAL B 584 33.31 -5.60 38.91
C VAL B 584 32.74 -6.41 37.76
N PRO B 585 33.61 -7.14 37.07
CA PRO B 585 33.18 -7.87 35.88
C PRO B 585 32.37 -9.09 36.24
N ARG B 586 31.27 -9.32 35.52
CA ARG B 586 30.46 -10.53 35.72
C ARG B 586 30.13 -11.24 34.40
N THR B 587 29.85 -12.54 34.54
CA THR B 587 29.70 -13.41 33.40
C THR B 587 28.47 -13.04 32.58
N VAL B 588 28.66 -12.82 31.29
CA VAL B 588 27.55 -12.43 30.43
C VAL B 588 26.61 -13.59 30.15
N LYS B 589 25.40 -13.52 30.70
CA LYS B 589 24.36 -14.51 30.45
C LYS B 589 23.87 -14.40 29.01
N LYS B 590 23.48 -15.54 28.46
CA LYS B 590 22.98 -15.62 27.08
C LYS B 590 21.93 -16.72 27.03
N GLU B 591 20.97 -16.60 26.12
CA GLU B 591 19.80 -17.48 26.11
C GLU B 591 20.15 -18.81 25.43
N ILE B 592 19.22 -19.77 25.47
CA ILE B 592 19.37 -21.02 24.72
C ILE B 592 18.03 -21.49 24.14
#